data_6LWP
#
_entry.id   6LWP
#
_cell.length_a   73.938
_cell.length_b   109.635
_cell.length_c   171.944
_cell.angle_alpha   90.000
_cell.angle_beta   90.000
_cell.angle_gamma   90.000
#
_symmetry.space_group_name_H-M   'P 21 21 21'
#
loop_
_entity.id
_entity.type
_entity.pdbx_description
1 polymer 'Endonuclease 8-like 1'
2 polymer "DNA (5'-D(*CP*GP*TP*CP*CP*AP*(FDU)P*GP*TP*CP*TP*AP*C)-3')"
3 polymer "DNA (5'-D(*TP*AP*GP*AP*CP*CP*TP*GP*GP*AP*CP*GP*G)-3')"
4 non-polymer GLYCEROL
5 water water
#
loop_
_entity_poly.entity_id
_entity_poly.type
_entity_poly.pdbx_seq_one_letter_code
_entity_poly.pdbx_strand_id
1 'polypeptide(L)'
;MPEGPELHLASQFVNEACRALVFGGCVEKSSVSRNPEVPFESSAYRISASARGKELRLILSPLPGAQPQQEPLALVFRFG
MSGSFQLVPREELPRHAHLRFYTAPPGPRLALCFVDIRRFGRWDLGGKWQPGRGPCVLQEYQQFRENVLRNLADKAFDRP
ICEALLDQRFFNGIGNYLRAEILYRLKIPPFEKARSVLEALQQHRPSPELTLSQKIRTKLQNPDLLELCHSVPKEVVQLG
GRGRGSESGEEDFAAFRAWLRCYGMPGMSSLQDRHGRTIWFQGDPGPLAPKGRKS
;
A,D,G
2 'polydeoxyribonucleotide' (DC)(DG)(DT)(DC)(DC)(DA)(EW3)(DG)(DT)(DC)(DT)(DA)(DC) B,E,H
3 'polydeoxyribonucleotide' (DT)(DA)(DG)(DA)(DC)(DC)(DT)(DG)(DG)(DA)(DC)(DG)(DG) C,F,I
#
loop_
_chem_comp.id
_chem_comp.type
_chem_comp.name
_chem_comp.formula
DA DNA linking 2'-DEOXYADENOSINE-5'-MONOPHOSPHATE 'C10 H14 N5 O6 P'
DC DNA linking 2'-DEOXYCYTIDINE-5'-MONOPHOSPHATE 'C9 H14 N3 O7 P'
DG DNA linking 2'-DEOXYGUANOSINE-5'-MONOPHOSPHATE 'C10 H14 N5 O7 P'
DT DNA linking THYMIDINE-5'-MONOPHOSPHATE 'C10 H15 N2 O8 P'
EW3 DNA linking '[(2~{R},3~{R},4~{R},5~{R})-5-[2,4-bis(oxidanylidene)-1,3-diazinan-1-yl]-4-fluoranyl-3-oxidanyl-oxolan-2-yl]methyl dihydrogen phosphate' 'C9 H14 F N2 O8 P'
GOL non-polymer GLYCEROL 'C3 H8 O3'
#
# COMPACT_ATOMS: atom_id res chain seq x y z
N PRO A 2 14.56 -22.96 -1.57
CA PRO A 2 15.29 -21.68 -1.33
C PRO A 2 14.50 -20.71 -0.44
N GLU A 3 15.25 -20.10 0.48
CA GLU A 3 14.70 -19.15 1.46
C GLU A 3 15.35 -17.80 1.15
N GLY A 4 15.14 -16.84 2.03
CA GLY A 4 15.58 -15.46 1.80
C GLY A 4 17.02 -15.41 1.37
N PRO A 5 17.96 -16.10 2.05
CA PRO A 5 19.36 -16.01 1.66
C PRO A 5 19.63 -16.46 0.21
N GLU A 6 18.91 -17.45 -0.28
CA GLU A 6 19.13 -18.05 -1.61
C GLU A 6 18.59 -17.05 -2.66
N LEU A 7 17.44 -16.44 -2.38
CA LEU A 7 16.87 -15.43 -3.27
C LEU A 7 17.84 -14.24 -3.35
N HIS A 8 18.35 -13.81 -2.22
CA HIS A 8 19.34 -12.71 -2.17
C HIS A 8 20.59 -13.08 -2.98
N LEU A 9 21.13 -14.27 -2.77
CA LEU A 9 22.40 -14.68 -3.44
C LEU A 9 22.14 -14.84 -4.95
N ALA A 10 20.95 -15.30 -5.35
CA ALA A 10 20.54 -15.40 -6.76
C ALA A 10 20.56 -14.01 -7.42
N SER A 11 20.02 -13.01 -6.75
CA SER A 11 20.00 -11.62 -7.26
C SER A 11 21.44 -11.13 -7.39
N GLN A 12 22.34 -11.46 -6.46
CA GLN A 12 23.76 -11.00 -6.56
C GLN A 12 24.40 -11.72 -7.75
N PHE A 13 24.03 -12.98 -7.97
CA PHE A 13 24.59 -13.78 -9.07
C PHE A 13 24.24 -13.08 -10.38
N VAL A 14 22.95 -12.77 -10.58
CA VAL A 14 22.45 -12.12 -11.82
C VAL A 14 23.17 -10.79 -12.04
N ASN A 15 23.30 -9.93 -11.03
CA ASN A 15 23.97 -8.62 -11.17
C ASN A 15 25.45 -8.82 -11.53
N GLU A 16 26.16 -9.77 -10.91
CA GLU A 16 27.63 -9.97 -11.17
C GLU A 16 27.84 -10.63 -12.53
N ALA A 17 27.08 -11.67 -12.84
CA ALA A 17 27.25 -12.47 -14.07
C ALA A 17 26.81 -11.65 -15.29
N CYS A 18 25.83 -10.77 -15.13
CA CYS A 18 25.25 -9.98 -16.26
C CYS A 18 25.90 -8.57 -16.33
N ARG A 19 26.79 -8.25 -15.41
CA ARG A 19 27.37 -6.89 -15.34
C ARG A 19 27.87 -6.46 -16.73
N ALA A 20 28.58 -7.31 -17.46
CA ALA A 20 29.22 -6.89 -18.73
C ALA A 20 28.59 -7.62 -19.92
N LEU A 21 27.39 -8.16 -19.78
CA LEU A 21 26.68 -8.84 -20.89
C LEU A 21 25.61 -7.92 -21.44
N VAL A 22 25.41 -8.02 -22.74
CA VAL A 22 24.28 -7.41 -23.47
C VAL A 22 23.42 -8.55 -24.01
N PHE A 23 22.17 -8.63 -23.56
CA PHE A 23 21.16 -9.58 -24.07
C PHE A 23 20.52 -8.96 -25.30
N GLY A 24 19.91 -9.81 -26.12
CA GLY A 24 19.15 -9.41 -27.31
C GLY A 24 18.14 -10.47 -27.67
N GLY A 25 17.09 -10.04 -28.38
CA GLY A 25 16.05 -10.93 -28.91
C GLY A 25 14.89 -10.98 -27.98
N CYS A 26 14.28 -12.15 -27.87
CA CYS A 26 13.05 -12.41 -27.10
C CYS A 26 13.41 -13.11 -25.80
N VAL A 27 12.39 -13.26 -24.96
CA VAL A 27 12.46 -14.04 -23.71
C VAL A 27 11.68 -15.34 -23.94
N GLU A 28 12.42 -16.43 -24.08
CA GLU A 28 11.89 -17.75 -24.46
C GLU A 28 11.51 -18.54 -23.22
N LYS A 29 10.30 -19.11 -23.22
CA LYS A 29 9.72 -19.91 -22.13
C LYS A 29 9.62 -21.36 -22.62
N SER A 30 9.85 -22.35 -21.75
CA SER A 30 9.66 -23.79 -22.11
C SER A 30 8.18 -24.05 -22.42
N SER A 31 7.88 -25.09 -23.19
CA SER A 31 6.50 -25.43 -23.60
C SER A 31 5.74 -26.06 -22.42
N VAL A 32 6.43 -26.53 -21.38
CA VAL A 32 5.77 -27.31 -20.29
C VAL A 32 5.39 -26.37 -19.14
N SER A 33 6.04 -25.20 -19.03
CA SER A 33 5.77 -24.17 -17.99
C SER A 33 4.42 -23.51 -18.20
N ARG A 34 3.57 -23.53 -17.17
CA ARG A 34 2.21 -22.95 -17.13
C ARG A 34 2.31 -21.48 -16.69
N ASN A 35 3.52 -20.98 -16.46
CA ASN A 35 3.74 -19.54 -16.21
C ASN A 35 3.53 -18.78 -17.52
N PRO A 36 3.24 -17.47 -17.46
CA PRO A 36 2.92 -16.68 -18.65
C PRO A 36 4.13 -16.44 -19.56
N GLU A 37 3.89 -16.25 -20.85
CA GLU A 37 4.89 -15.72 -21.82
C GLU A 37 5.26 -14.30 -21.38
N VAL A 38 6.54 -13.96 -21.47
CA VAL A 38 7.07 -12.59 -21.31
C VAL A 38 7.06 -11.89 -22.66
N PRO A 39 6.15 -10.90 -22.88
CA PRO A 39 6.09 -10.16 -24.15
C PRO A 39 7.16 -9.06 -24.11
N PHE A 40 8.37 -9.42 -24.51
CA PHE A 40 9.56 -8.51 -24.50
C PHE A 40 10.48 -8.91 -25.65
N GLU A 41 10.78 -7.96 -26.56
CA GLU A 41 11.88 -8.10 -27.54
C GLU A 41 12.67 -6.77 -27.58
N SER A 42 14.01 -6.86 -27.54
CA SER A 42 14.96 -5.73 -27.69
C SER A 42 16.30 -6.23 -28.24
N SER A 43 16.89 -5.49 -29.18
CA SER A 43 18.13 -5.84 -29.92
C SER A 43 19.36 -5.72 -29.02
N ALA A 44 19.22 -4.97 -27.92
CA ALA A 44 20.28 -4.69 -26.95
C ALA A 44 19.66 -4.28 -25.59
N TYR A 45 19.71 -5.16 -24.59
CA TYR A 45 19.20 -4.93 -23.22
C TYR A 45 20.12 -5.58 -22.16
N ARG A 46 20.11 -5.00 -20.96
CA ARG A 46 20.85 -5.48 -19.79
C ARG A 46 19.86 -6.00 -18.75
N ILE A 47 20.31 -6.96 -17.95
CA ILE A 47 19.49 -7.62 -16.90
C ILE A 47 20.10 -7.30 -15.55
N SER A 48 19.26 -6.90 -14.60
CA SER A 48 19.64 -6.58 -13.20
C SER A 48 18.59 -7.16 -12.25
N ALA A 49 18.90 -7.29 -10.98
CA ALA A 49 18.05 -8.01 -10.03
C ALA A 49 18.11 -7.35 -8.65
N SER A 50 17.04 -7.56 -7.91
CA SER A 50 16.99 -7.25 -6.46
C SER A 50 16.12 -8.32 -5.81
N ALA A 51 16.42 -8.66 -4.58
CA ALA A 51 15.61 -9.62 -3.81
C ALA A 51 14.84 -8.84 -2.74
N ARG A 52 13.70 -9.37 -2.37
CA ARG A 52 12.96 -8.96 -1.19
C ARG A 52 12.34 -10.22 -0.63
N GLY A 53 12.80 -10.68 0.54
CA GLY A 53 12.21 -11.86 1.16
C GLY A 53 12.44 -13.06 0.28
N LYS A 54 11.37 -13.80 0.02
CA LYS A 54 11.40 -15.02 -0.80
C LYS A 54 10.95 -14.67 -2.23
N GLU A 55 11.20 -13.45 -2.69
CA GLU A 55 10.89 -13.02 -4.10
C GLU A 55 12.13 -12.36 -4.71
N LEU A 56 12.27 -12.44 -6.02
CA LEU A 56 13.38 -11.78 -6.77
C LEU A 56 12.76 -10.99 -7.92
N ARG A 57 13.30 -9.82 -8.20
CA ARG A 57 12.78 -8.97 -9.30
C ARG A 57 13.89 -8.77 -10.33
N LEU A 58 13.71 -9.24 -11.58
CA LEU A 58 14.57 -8.94 -12.74
C LEU A 58 14.07 -7.67 -13.42
N ILE A 59 14.99 -6.78 -13.80
CA ILE A 59 14.68 -5.62 -14.67
C ILE A 59 15.42 -5.82 -16.00
N LEU A 60 14.65 -5.91 -17.09
CA LEU A 60 15.12 -5.90 -18.49
C LEU A 60 15.15 -4.46 -19.01
N SER A 61 16.35 -3.92 -19.23
CA SER A 61 16.64 -2.50 -19.54
C SER A 61 17.24 -2.35 -20.92
N PRO A 62 16.44 -2.02 -21.96
CA PRO A 62 16.99 -1.74 -23.28
C PRO A 62 18.01 -0.60 -23.21
N LEU A 63 19.08 -0.73 -24.00
CA LEU A 63 20.14 0.30 -24.17
C LEU A 63 19.63 1.44 -25.06
N PRO A 64 20.25 2.63 -24.98
CA PRO A 64 19.86 3.76 -25.83
C PRO A 64 19.89 3.33 -27.31
N GLY A 65 18.78 3.53 -28.00
CA GLY A 65 18.67 3.23 -29.44
C GLY A 65 18.26 1.80 -29.75
N ALA A 66 18.23 0.89 -28.82
CA ALA A 66 17.83 -0.45 -29.17
C ALA A 66 16.52 -0.40 -29.90
N GLN A 67 16.26 -1.44 -30.67
CA GLN A 67 15.03 -1.57 -31.41
C GLN A 67 14.50 -2.96 -31.13
N PRO A 68 13.17 -3.12 -31.15
CA PRO A 68 12.03 -2.22 -31.07
C PRO A 68 12.03 -1.35 -29.87
N GLN A 69 11.34 -0.23 -29.95
CA GLN A 69 11.31 0.68 -28.84
C GLN A 69 10.68 0.00 -27.66
N GLN A 70 11.29 0.19 -26.51
CA GLN A 70 10.76 -0.44 -25.34
C GLN A 70 11.09 0.22 -24.04
N GLU A 71 10.08 0.29 -23.19
CA GLU A 71 10.31 0.69 -21.79
C GLU A 71 10.89 -0.52 -21.06
N PRO A 72 11.71 -0.27 -20.01
CA PRO A 72 12.13 -1.32 -19.10
C PRO A 72 10.95 -2.25 -18.74
N LEU A 73 11.23 -3.54 -18.59
CA LEU A 73 10.23 -4.53 -18.11
C LEU A 73 10.76 -5.17 -16.81
N ALA A 74 9.92 -5.19 -15.80
CA ALA A 74 10.18 -5.88 -14.51
C ALA A 74 9.35 -7.17 -14.48
N LEU A 75 9.98 -8.25 -14.05
CA LEU A 75 9.36 -9.56 -13.73
C LEU A 75 9.68 -9.89 -12.27
N VAL A 76 8.72 -10.42 -11.53
CA VAL A 76 9.00 -10.93 -10.16
C VAL A 76 8.86 -12.47 -10.15
N PHE A 77 9.88 -13.12 -9.61
CA PHE A 77 9.97 -14.60 -9.48
C PHE A 77 9.78 -15.02 -8.03
N ARG A 78 9.06 -16.11 -7.81
CA ARG A 78 9.14 -16.99 -6.61
C ARG A 78 9.73 -18.34 -7.04
N PHE A 79 10.61 -18.90 -6.22
CA PHE A 79 11.45 -20.07 -6.59
C PHE A 79 10.80 -21.39 -6.18
N GLY A 80 9.72 -21.36 -5.42
CA GLY A 80 9.14 -22.60 -4.85
C GLY A 80 10.20 -23.44 -4.18
N MET A 81 10.22 -24.74 -4.42
CA MET A 81 11.13 -25.70 -3.77
C MET A 81 12.44 -25.90 -4.52
N SER A 82 12.56 -25.55 -5.81
CA SER A 82 13.80 -25.92 -6.57
C SER A 82 14.29 -24.84 -7.54
N GLY A 83 13.80 -23.61 -7.47
CA GLY A 83 14.16 -22.58 -8.46
C GLY A 83 15.55 -22.07 -8.26
N SER A 84 16.13 -21.49 -9.31
CA SER A 84 17.52 -20.97 -9.34
C SER A 84 17.75 -20.30 -10.70
N PHE A 85 18.83 -19.53 -10.80
CA PHE A 85 19.29 -18.89 -12.03
C PHE A 85 20.65 -19.48 -12.38
N GLN A 86 20.87 -19.74 -13.67
CA GLN A 86 22.17 -20.21 -14.20
C GLN A 86 22.51 -19.43 -15.47
N LEU A 87 23.81 -19.16 -15.63
CA LEU A 87 24.39 -18.60 -16.86
C LEU A 87 25.07 -19.78 -17.55
N VAL A 88 24.50 -20.27 -18.65
CA VAL A 88 25.03 -21.45 -19.39
C VAL A 88 25.29 -21.10 -20.85
N PRO A 89 26.16 -21.88 -21.53
CA PRO A 89 26.29 -21.79 -22.97
C PRO A 89 24.91 -22.14 -23.69
N ARG A 90 24.60 -21.32 -24.72
CA ARG A 90 23.26 -21.22 -25.37
C ARG A 90 22.80 -22.62 -25.83
N GLU A 91 23.75 -23.46 -26.28
CA GLU A 91 23.41 -24.84 -26.76
C GLU A 91 23.52 -25.89 -25.64
N GLU A 92 23.83 -25.50 -24.39
CA GLU A 92 23.95 -26.42 -23.25
C GLU A 92 22.95 -26.04 -22.15
N LEU A 93 21.71 -25.77 -22.57
CA LEU A 93 20.55 -25.54 -21.66
C LEU A 93 20.49 -26.71 -20.69
N PRO A 94 20.43 -26.45 -19.37
CA PRO A 94 20.16 -27.54 -18.43
C PRO A 94 18.72 -27.99 -18.66
N ARG A 95 18.42 -29.22 -18.28
CA ARG A 95 17.04 -29.71 -18.14
C ARG A 95 16.32 -28.76 -17.17
N HIS A 96 15.04 -28.50 -17.43
CA HIS A 96 14.15 -27.72 -16.52
C HIS A 96 14.49 -26.23 -16.59
N ALA A 97 15.18 -25.77 -17.64
CA ALA A 97 15.37 -24.31 -17.89
C ALA A 97 14.09 -23.77 -18.52
N HIS A 98 13.22 -23.16 -17.73
CA HIS A 98 11.83 -22.84 -18.11
C HIS A 98 11.69 -21.39 -18.64
N LEU A 99 12.69 -20.53 -18.42
CA LEU A 99 12.69 -19.16 -18.97
C LEU A 99 14.14 -18.78 -19.28
N ARG A 100 14.37 -18.20 -20.46
CA ARG A 100 15.72 -18.05 -21.05
C ARG A 100 15.87 -16.66 -21.68
N PHE A 101 16.98 -16.02 -21.34
CA PHE A 101 17.44 -14.70 -21.84
C PHE A 101 18.79 -14.94 -22.53
N TYR A 102 18.95 -14.39 -23.73
CA TYR A 102 19.95 -14.82 -24.72
C TYR A 102 20.87 -13.62 -24.99
N THR A 103 22.18 -13.83 -24.81
CA THR A 103 23.19 -12.78 -25.02
C THR A 103 23.22 -12.43 -26.50
N ALA A 104 23.42 -11.15 -26.82
CA ALA A 104 23.68 -10.64 -28.17
C ALA A 104 25.16 -10.84 -28.51
N PRO A 105 25.54 -10.89 -29.81
CA PRO A 105 26.94 -10.80 -30.20
C PRO A 105 27.64 -9.44 -30.08
N PRO A 106 28.90 -9.40 -29.59
CA PRO A 106 29.97 -10.26 -30.08
C PRO A 106 30.29 -11.03 -28.78
N GLY A 107 31.01 -12.14 -28.87
CA GLY A 107 31.38 -12.93 -27.68
C GLY A 107 30.59 -14.23 -27.61
N PRO A 108 30.92 -15.10 -26.62
CA PRO A 108 30.31 -16.44 -26.54
C PRO A 108 28.81 -16.33 -26.25
N ARG A 109 27.97 -16.97 -27.07
CA ARG A 109 26.49 -16.96 -27.00
C ARG A 109 26.05 -17.66 -25.72
N LEU A 110 25.53 -16.91 -24.74
CA LEU A 110 25.14 -17.47 -23.42
C LEU A 110 23.62 -17.37 -23.29
N ALA A 111 23.09 -18.10 -22.31
CA ALA A 111 21.68 -18.04 -21.86
C ALA A 111 21.63 -17.91 -20.35
N LEU A 112 21.01 -16.84 -19.83
CA LEU A 112 20.55 -16.76 -18.43
C LEU A 112 19.21 -17.49 -18.35
N CYS A 113 19.12 -18.48 -17.47
CA CYS A 113 18.03 -19.46 -17.37
C CYS A 113 17.47 -19.47 -15.96
N PHE A 114 16.14 -19.42 -15.87
CA PHE A 114 15.38 -19.76 -14.66
C PHE A 114 15.14 -21.26 -14.73
N VAL A 115 15.80 -22.01 -13.85
CA VAL A 115 15.80 -23.48 -13.78
C VAL A 115 14.98 -23.89 -12.55
N ASP A 116 14.02 -24.79 -12.75
CA ASP A 116 13.02 -25.15 -11.73
C ASP A 116 12.58 -26.60 -11.98
N ILE A 117 13.34 -27.53 -11.41
CA ILE A 117 13.10 -28.99 -11.53
C ILE A 117 11.62 -29.25 -11.30
N ARG A 118 11.06 -28.81 -10.16
CA ARG A 118 9.72 -29.28 -9.69
C ARG A 118 8.59 -28.35 -10.18
N ARG A 119 8.96 -27.15 -10.67
CA ARG A 119 8.00 -26.21 -11.31
C ARG A 119 7.02 -25.64 -10.28
N PHE A 120 7.38 -25.57 -8.99
CA PHE A 120 6.54 -24.89 -7.99
C PHE A 120 6.80 -23.37 -8.07
N GLY A 121 7.93 -22.98 -8.66
CA GLY A 121 8.26 -21.57 -8.95
C GLY A 121 7.23 -20.92 -9.86
N ARG A 122 7.10 -19.61 -9.75
CA ARG A 122 6.11 -18.79 -10.49
C ARG A 122 6.80 -17.48 -10.87
N TRP A 123 6.37 -16.83 -11.95
CA TRP A 123 6.70 -15.42 -12.27
C TRP A 123 5.44 -14.71 -12.76
N ASP A 124 5.37 -13.39 -12.50
CA ASP A 124 4.23 -12.51 -12.86
C ASP A 124 4.76 -11.35 -13.66
N LEU A 125 4.01 -10.96 -14.69
CA LEU A 125 4.27 -9.73 -15.47
C LEU A 125 3.93 -8.56 -14.56
N GLY A 126 4.73 -7.50 -14.62
CA GLY A 126 4.57 -6.40 -13.65
C GLY A 126 5.63 -6.55 -12.60
N GLY A 127 6.23 -5.44 -12.21
CA GLY A 127 7.37 -5.50 -11.28
C GLY A 127 6.92 -5.53 -9.85
N LYS A 128 5.69 -5.93 -9.53
CA LYS A 128 5.16 -5.70 -8.14
C LYS A 128 5.55 -6.87 -7.22
N TRP A 129 6.03 -6.54 -6.02
CA TRP A 129 6.12 -7.48 -4.88
C TRP A 129 4.73 -8.01 -4.56
N GLN A 130 4.65 -9.19 -3.97
CA GLN A 130 3.36 -9.88 -3.78
C GLN A 130 2.55 -9.10 -2.76
N PRO A 131 1.32 -8.65 -3.07
CA PRO A 131 0.51 -7.96 -2.06
C PRO A 131 0.36 -8.88 -0.86
N GLY A 132 0.50 -8.34 0.35
CA GLY A 132 0.33 -9.14 1.56
C GLY A 132 1.64 -9.64 2.11
N ARG A 133 2.69 -9.82 1.31
CA ARG A 133 4.00 -10.22 1.86
C ARG A 133 4.56 -9.06 2.70
N GLY A 134 5.10 -9.39 3.84
CA GLY A 134 5.72 -8.40 4.74
C GLY A 134 7.07 -7.96 4.24
N PRO A 135 7.72 -6.99 4.92
CA PRO A 135 9.03 -6.51 4.53
C PRO A 135 10.09 -7.61 4.66
N CYS A 136 11.15 -7.45 3.87
CA CYS A 136 12.29 -8.38 3.84
C CYS A 136 13.00 -8.40 5.20
N VAL A 137 13.12 -9.59 5.81
CA VAL A 137 13.94 -9.74 7.06
C VAL A 137 15.39 -9.38 6.77
N LEU A 138 15.89 -9.50 5.54
CA LEU A 138 17.32 -9.15 5.31
C LEU A 138 17.47 -7.67 5.10
N GLN A 139 16.63 -7.04 4.28
CA GLN A 139 16.93 -5.71 3.73
C GLN A 139 16.00 -4.63 4.32
N GLU A 140 14.98 -4.99 5.08
CA GLU A 140 13.97 -4.07 5.60
C GLU A 140 13.75 -4.43 7.06
N TYR A 141 14.82 -4.58 7.82
CA TYR A 141 14.77 -5.16 9.19
C TYR A 141 13.82 -4.35 10.04
N GLN A 142 14.02 -3.06 10.11
CA GLN A 142 13.23 -2.21 11.05
C GLN A 142 11.75 -2.26 10.65
N GLN A 143 11.45 -2.24 9.36
CA GLN A 143 10.05 -2.31 8.89
C GLN A 143 9.49 -3.68 9.27
N PHE A 144 10.29 -4.73 9.05
CA PHE A 144 9.93 -6.13 9.40
C PHE A 144 9.57 -6.20 10.87
N ARG A 145 10.43 -5.63 11.73
CA ARG A 145 10.28 -5.69 13.22
C ARG A 145 8.97 -5.01 13.62
N GLU A 146 8.77 -3.75 13.15
CA GLU A 146 7.59 -2.92 13.49
C GLU A 146 6.32 -3.62 12.99
N ASN A 147 6.35 -4.18 11.77
CA ASN A 147 5.16 -4.86 11.18
C ASN A 147 4.72 -6.04 12.05
N VAL A 148 5.65 -6.76 12.68
CA VAL A 148 5.30 -7.86 13.64
C VAL A 148 4.74 -7.27 14.94
N LEU A 149 5.51 -6.40 15.62
CA LEU A 149 5.19 -5.93 17.00
C LEU A 149 3.89 -5.11 17.03
N ARG A 150 3.55 -4.46 15.93
CA ARG A 150 2.30 -3.68 15.77
C ARG A 150 1.10 -4.57 15.42
N ASN A 151 1.27 -5.88 15.20
CA ASN A 151 0.15 -6.74 14.70
C ASN A 151 0.05 -8.06 15.49
N LEU A 152 0.39 -8.09 16.77
CA LEU A 152 0.34 -9.32 17.60
C LEU A 152 -1.09 -9.77 17.85
N ALA A 153 -2.09 -8.95 17.53
CA ALA A 153 -3.52 -9.29 17.77
C ALA A 153 -4.01 -10.25 16.69
N ASP A 154 -3.44 -10.16 15.48
CA ASP A 154 -3.69 -11.07 14.33
C ASP A 154 -3.70 -12.53 14.82
N LYS A 155 -4.71 -13.31 14.41
CA LYS A 155 -4.88 -14.73 14.84
C LYS A 155 -3.68 -15.55 14.33
N ALA A 156 -2.85 -14.98 13.46
CA ALA A 156 -1.57 -15.60 13.03
C ALA A 156 -0.74 -15.95 14.27
N PHE A 157 -0.73 -15.08 15.29
CA PHE A 157 0.15 -15.21 16.48
C PHE A 157 -0.49 -16.07 17.57
N ASP A 158 -1.71 -16.57 17.35
CA ASP A 158 -2.36 -17.60 18.21
C ASP A 158 -1.62 -18.94 18.04
N ARG A 159 -0.95 -19.13 16.92
CA ARG A 159 -0.37 -20.42 16.47
C ARG A 159 0.99 -20.61 17.14
N PRO A 160 1.51 -21.85 17.15
CA PRO A 160 2.89 -22.11 17.51
C PRO A 160 3.91 -21.19 16.82
N ILE A 161 4.96 -20.81 17.56
CA ILE A 161 5.96 -19.87 17.00
C ILE A 161 6.57 -20.52 15.75
N CYS A 162 6.72 -21.85 15.73
CA CYS A 162 7.40 -22.53 14.58
C CYS A 162 6.53 -22.37 13.32
N GLU A 163 5.20 -22.30 13.46
CA GLU A 163 4.27 -22.10 12.32
C GLU A 163 4.21 -20.62 11.92
N ALA A 164 4.11 -19.71 12.90
CA ALA A 164 4.07 -18.25 12.70
C ALA A 164 5.25 -17.82 11.84
N LEU A 165 6.43 -18.41 12.06
CA LEU A 165 7.71 -18.04 11.39
C LEU A 165 7.68 -18.35 9.88
N LEU A 166 6.77 -19.20 9.42
CA LEU A 166 6.59 -19.48 7.97
C LEU A 166 5.56 -18.52 7.33
N ASP A 167 4.80 -17.78 8.13
CA ASP A 167 3.78 -16.87 7.58
C ASP A 167 4.47 -15.72 6.85
N GLN A 168 4.41 -15.69 5.51
CA GLN A 168 5.21 -14.72 4.73
C GLN A 168 4.61 -13.32 4.82
N ARG A 169 3.47 -13.17 5.48
CA ARG A 169 2.89 -11.83 5.71
C ARG A 169 3.72 -11.07 6.76
N PHE A 170 4.48 -11.78 7.61
CA PHE A 170 5.25 -11.21 8.76
C PHE A 170 6.73 -11.63 8.75
N PHE A 171 7.09 -12.75 8.12
CA PHE A 171 8.47 -13.28 8.14
C PHE A 171 8.92 -13.60 6.71
N ASN A 172 8.74 -12.63 5.83
CA ASN A 172 9.04 -12.73 4.38
C ASN A 172 10.50 -13.09 4.23
N GLY A 173 10.78 -14.34 3.84
CA GLY A 173 12.17 -14.79 3.67
C GLY A 173 12.53 -15.95 4.60
N ILE A 174 11.72 -16.22 5.63
CA ILE A 174 12.02 -17.33 6.58
C ILE A 174 11.31 -18.57 6.06
N GLY A 175 12.07 -19.67 5.95
CA GLY A 175 11.53 -20.99 5.58
C GLY A 175 11.94 -22.05 6.59
N ASN A 176 11.91 -23.31 6.16
CA ASN A 176 11.90 -24.45 7.09
C ASN A 176 13.27 -24.63 7.76
N TYR A 177 14.36 -24.29 7.07
CA TYR A 177 15.72 -24.42 7.66
C TYR A 177 15.97 -23.24 8.59
N LEU A 178 15.62 -22.01 8.20
CA LEU A 178 15.88 -20.83 9.05
C LEU A 178 15.05 -20.89 10.33
N ARG A 179 13.79 -21.36 10.31
CA ARG A 179 12.97 -21.41 11.55
C ARG A 179 13.61 -22.39 12.57
N ALA A 180 14.14 -23.50 12.11
CA ALA A 180 14.84 -24.46 12.99
C ALA A 180 16.07 -23.76 13.57
N GLU A 181 16.88 -23.19 12.71
CA GLU A 181 18.17 -22.56 13.08
C GLU A 181 17.90 -21.38 14.03
N ILE A 182 16.87 -20.58 13.76
CA ILE A 182 16.54 -19.39 14.60
C ILE A 182 16.10 -19.86 15.99
N LEU A 183 15.16 -20.80 16.06
CA LEU A 183 14.61 -21.31 17.34
C LEU A 183 15.72 -22.02 18.15
N TYR A 184 16.68 -22.65 17.49
CA TYR A 184 17.74 -23.41 18.19
C TYR A 184 18.68 -22.44 18.89
N ARG A 185 19.01 -21.30 18.26
CA ARG A 185 19.94 -20.29 18.83
C ARG A 185 19.43 -19.78 20.19
N LEU A 186 18.10 -19.70 20.37
CA LEU A 186 17.49 -19.18 21.63
C LEU A 186 16.85 -20.28 22.48
N LYS A 187 16.94 -21.54 22.07
CA LYS A 187 16.26 -22.69 22.73
C LYS A 187 14.83 -22.30 23.08
N ILE A 188 14.09 -21.73 22.15
CA ILE A 188 12.63 -21.49 22.27
C ILE A 188 11.93 -22.74 21.78
N PRO A 189 11.15 -23.43 22.65
CA PRO A 189 10.37 -24.58 22.19
C PRO A 189 9.54 -24.21 20.97
N PRO A 190 9.61 -25.00 19.89
CA PRO A 190 8.91 -24.64 18.65
C PRO A 190 7.41 -24.51 18.78
N PHE A 191 6.81 -25.20 19.74
CA PHE A 191 5.35 -25.20 19.97
C PHE A 191 4.99 -24.32 21.19
N GLU A 192 5.89 -23.46 21.63
CA GLU A 192 5.53 -22.26 22.40
C GLU A 192 4.57 -21.45 21.52
N LYS A 193 3.59 -20.79 22.11
CA LYS A 193 2.65 -19.88 21.43
C LYS A 193 3.44 -18.66 20.95
N ALA A 194 3.22 -18.23 19.70
CA ALA A 194 3.95 -17.10 19.07
C ALA A 194 3.72 -15.79 19.85
N ARG A 195 2.48 -15.42 20.18
CA ARG A 195 2.16 -14.19 20.95
C ARG A 195 2.95 -14.16 22.28
N SER A 196 3.09 -15.28 23.00
CA SER A 196 3.85 -15.37 24.28
C SER A 196 5.29 -14.89 24.07
N VAL A 197 5.92 -15.35 23.01
CA VAL A 197 7.38 -15.18 22.77
C VAL A 197 7.63 -13.77 22.27
N LEU A 198 6.62 -13.14 21.65
CA LEU A 198 6.73 -11.84 20.93
C LEU A 198 6.31 -10.67 21.83
N GLU A 199 5.23 -10.78 22.61
CA GLU A 199 4.82 -9.83 23.70
C GLU A 199 5.99 -9.57 24.67
N ALA A 200 6.74 -10.63 24.99
CA ALA A 200 7.90 -10.65 25.91
C ALA A 200 9.08 -9.82 25.38
N LEU A 201 8.92 -9.06 24.28
CA LEU A 201 9.94 -8.11 23.73
C LEU A 201 9.20 -6.94 23.07
N GLN A 202 8.00 -6.60 23.54
CA GLN A 202 7.15 -5.50 22.98
C GLN A 202 7.87 -4.15 23.07
N ASN A 222 21.97 -12.40 24.25
CA ASN A 222 21.73 -10.95 24.00
C ASN A 222 20.67 -10.70 22.91
N PRO A 223 20.78 -11.21 21.66
CA PRO A 223 19.81 -10.90 20.61
C PRO A 223 18.46 -11.60 20.87
N ASP A 224 17.34 -10.92 20.54
CA ASP A 224 15.98 -11.46 20.66
C ASP A 224 15.57 -12.15 19.35
N LEU A 225 14.38 -12.75 19.32
CA LEU A 225 13.93 -13.65 18.24
C LEU A 225 13.82 -12.85 16.94
N LEU A 226 13.34 -11.60 17.01
CA LEU A 226 13.15 -10.76 15.79
C LEU A 226 14.53 -10.30 15.27
N GLU A 227 15.50 -10.07 16.15
CA GLU A 227 16.89 -9.76 15.69
C GLU A 227 17.49 -10.93 14.90
N LEU A 228 17.32 -12.16 15.39
CA LEU A 228 17.90 -13.39 14.79
C LEU A 228 17.22 -13.67 13.45
N CYS A 229 15.95 -13.31 13.30
CA CYS A 229 15.20 -13.41 12.03
C CYS A 229 15.92 -12.66 10.90
N HIS A 230 16.81 -11.74 11.27
CA HIS A 230 17.62 -10.92 10.36
C HIS A 230 19.06 -11.40 10.40
N SER A 231 19.64 -11.61 11.57
CA SER A 231 21.10 -11.87 11.67
C SER A 231 21.40 -13.32 11.27
N VAL A 232 20.49 -14.26 11.50
CA VAL A 232 20.76 -15.67 11.09
C VAL A 232 20.79 -15.78 9.57
N PRO A 233 19.74 -15.39 8.83
CA PRO A 233 19.82 -15.37 7.37
C PRO A 233 21.00 -14.54 6.82
N LYS A 234 21.36 -13.44 7.46
CA LYS A 234 22.52 -12.64 7.03
C LYS A 234 23.79 -13.48 7.09
N GLU A 235 23.87 -14.41 8.03
CA GLU A 235 25.06 -15.31 8.18
C GLU A 235 25.18 -16.17 6.92
N VAL A 236 24.06 -16.69 6.44
CA VAL A 236 24.03 -17.59 5.26
C VAL A 236 24.49 -16.78 4.05
N VAL A 237 24.03 -15.53 3.93
CA VAL A 237 24.41 -14.66 2.80
C VAL A 237 25.93 -14.44 2.82
N GLN A 238 26.52 -14.36 4.00
CA GLN A 238 27.97 -14.05 4.19
C GLN A 238 28.82 -15.29 3.90
N LEU A 239 28.24 -16.50 3.87
CA LEU A 239 28.94 -17.73 3.44
C LEU A 239 29.32 -17.65 1.96
N GLY A 240 28.67 -16.78 1.17
CA GLY A 240 28.79 -16.82 -0.31
C GLY A 240 27.84 -17.84 -0.91
N GLY A 241 27.96 -18.13 -2.20
CA GLY A 241 26.96 -18.91 -2.96
C GLY A 241 26.36 -18.09 -4.09
N ARG A 242 25.45 -18.69 -4.87
CA ARG A 242 24.72 -18.09 -6.03
C ARG A 242 23.29 -18.67 -6.12
N GLY A 243 22.61 -18.79 -4.95
CA GLY A 243 21.43 -19.65 -4.68
C GLY A 243 21.85 -21.04 -4.18
N ARG A 244 23.18 -21.28 -4.12
CA ARG A 244 23.88 -22.54 -3.74
C ARG A 244 23.25 -23.75 -4.45
N GLY A 249 27.37 -24.11 -6.89
CA GLY A 249 28.57 -24.55 -6.14
C GLY A 249 28.42 -25.93 -5.49
N GLU A 250 29.51 -26.73 -5.46
CA GLU A 250 29.51 -28.10 -4.86
C GLU A 250 30.56 -28.21 -3.74
N GLU A 251 31.12 -27.07 -3.30
CA GLU A 251 32.04 -26.92 -2.14
C GLU A 251 31.45 -25.91 -1.14
N ASP A 252 30.85 -24.81 -1.63
CA ASP A 252 30.03 -23.85 -0.83
C ASP A 252 28.82 -24.59 -0.23
N PHE A 253 28.51 -25.77 -0.77
CA PHE A 253 27.51 -26.72 -0.24
C PHE A 253 28.00 -27.30 1.09
N ALA A 254 29.30 -27.59 1.19
CA ALA A 254 29.98 -28.10 2.41
C ALA A 254 29.97 -27.03 3.49
N ALA A 255 30.31 -25.80 3.12
CA ALA A 255 30.26 -24.58 3.98
C ALA A 255 28.89 -24.51 4.67
N PHE A 256 27.81 -24.73 3.91
CA PHE A 256 26.42 -24.61 4.40
C PHE A 256 26.09 -25.74 5.40
N ARG A 257 26.40 -26.98 5.05
CA ARG A 257 26.06 -28.17 5.88
C ARG A 257 26.75 -28.09 7.28
N ALA A 258 27.95 -27.45 7.30
CA ALA A 258 28.79 -27.23 8.50
C ALA A 258 28.27 -26.06 9.36
N TRP A 259 27.69 -25.03 8.74
CA TRP A 259 27.08 -23.84 9.41
C TRP A 259 25.87 -24.32 10.21
N LEU A 260 25.12 -25.24 9.61
CA LEU A 260 23.83 -25.75 10.19
C LEU A 260 24.11 -26.37 11.56
N ARG A 261 23.32 -25.99 12.57
CA ARG A 261 23.49 -26.50 13.96
C ARG A 261 22.35 -27.47 14.29
N CYS A 262 21.19 -27.35 13.64
CA CYS A 262 19.94 -27.99 14.11
C CYS A 262 19.21 -28.70 12.96
N TYR A 263 18.84 -27.98 11.91
CA TYR A 263 18.03 -28.49 10.76
C TYR A 263 18.69 -29.75 10.17
N GLY A 264 18.06 -30.91 10.34
CA GLY A 264 18.49 -32.21 9.79
C GLY A 264 19.53 -32.93 10.64
N MET A 265 19.98 -32.41 11.78
CA MET A 265 21.30 -32.85 12.35
C MET A 265 21.12 -34.01 13.32
N PRO A 266 22.14 -34.91 13.46
CA PRO A 266 22.09 -35.98 14.44
C PRO A 266 21.89 -35.42 15.85
N GLY A 267 21.12 -36.14 16.68
CA GLY A 267 20.80 -35.71 18.06
C GLY A 267 19.61 -34.78 18.17
N MET A 268 19.10 -34.25 17.07
CA MET A 268 17.96 -33.29 17.10
C MET A 268 16.65 -34.07 17.03
N SER A 269 15.62 -33.59 17.71
CA SER A 269 14.24 -34.11 17.62
C SER A 269 13.59 -33.45 16.42
N SER A 270 12.50 -34.02 15.92
CA SER A 270 11.70 -33.43 14.81
C SER A 270 10.23 -33.81 14.98
N LEU A 271 9.32 -32.90 14.66
CA LEU A 271 7.86 -33.16 14.62
C LEU A 271 7.31 -32.54 13.33
N GLN A 272 6.06 -32.87 13.00
CA GLN A 272 5.26 -32.23 11.94
C GLN A 272 4.40 -31.13 12.59
N ASP A 273 4.44 -29.90 12.04
CA ASP A 273 3.47 -28.83 12.37
C ASP A 273 2.13 -29.17 11.72
N ARG A 274 1.10 -28.33 11.90
CA ARG A 274 -0.28 -28.57 11.43
C ARG A 274 -0.33 -28.62 9.89
N HIS A 275 0.69 -28.16 9.18
CA HIS A 275 0.73 -28.18 7.68
C HIS A 275 1.62 -29.32 7.18
N GLY A 276 1.99 -30.27 8.03
CA GLY A 276 2.77 -31.46 7.64
C GLY A 276 4.23 -31.13 7.34
N ARG A 277 4.72 -29.94 7.71
CA ARG A 277 6.12 -29.52 7.53
C ARG A 277 6.91 -29.86 8.80
N THR A 278 8.16 -30.25 8.64
CA THR A 278 9.01 -30.83 9.69
C THR A 278 9.76 -29.69 10.36
N ILE A 279 9.55 -29.54 11.68
CA ILE A 279 10.37 -28.63 12.53
C ILE A 279 11.39 -29.49 13.28
N TRP A 280 12.65 -29.12 13.16
CA TRP A 280 13.82 -29.62 13.91
C TRP A 280 14.05 -28.73 15.12
N PHE A 281 14.48 -29.34 16.24
CA PHE A 281 14.68 -28.70 17.56
C PHE A 281 15.40 -29.64 18.53
N GLN A 282 15.89 -29.06 19.63
CA GLN A 282 16.51 -29.75 20.78
C GLN A 282 15.63 -29.48 22.00
N GLY A 283 15.37 -30.52 22.77
CA GLY A 283 14.68 -30.35 24.07
C GLY A 283 13.17 -30.27 23.92
N ASP A 284 12.59 -29.41 24.76
CA ASP A 284 11.12 -29.29 25.01
C ASP A 284 10.46 -29.00 23.67
N PRO A 285 9.52 -29.85 23.21
CA PRO A 285 8.71 -29.52 22.04
C PRO A 285 7.85 -28.28 22.28
N GLY A 286 7.37 -28.09 23.51
CA GLY A 286 6.63 -26.87 23.90
C GLY A 286 5.17 -27.19 24.15
N PRO A 287 4.42 -26.26 24.78
CA PRO A 287 3.05 -26.53 25.19
C PRO A 287 2.06 -26.93 24.08
N LEU A 288 2.07 -26.32 22.89
CA LEU A 288 1.05 -26.59 21.81
C LEU A 288 1.49 -27.70 20.86
N ALA A 289 2.32 -28.66 21.30
CA ALA A 289 2.78 -29.80 20.48
C ALA A 289 1.59 -30.70 20.21
N PRO A 290 1.48 -31.30 19.00
CA PRO A 290 0.48 -32.32 18.73
C PRO A 290 0.79 -33.63 19.46
F2 EW3 B 7 13.67 -24.63 -0.55
C2' EW3 B 7 13.88 -25.32 0.59
C3' EW3 B 7 12.80 -25.11 1.65
O3' EW3 B 7 12.47 -23.71 1.84
C1' EW3 B 7 15.12 -24.82 1.33
O4' EW3 B 7 14.90 -25.18 2.73
C4' EW3 B 7 13.54 -25.58 2.89
C5' EW3 B 7 13.48 -27.07 3.09
O5' EW3 B 7 12.14 -27.53 3.15
P EW3 B 7 11.93 -29.04 3.66
OP2 EW3 B 7 12.55 -29.30 4.97
OP1 EW3 B 7 10.44 -29.35 3.49
N1 EW3 B 7 16.43 -25.36 0.80
C2 EW3 B 7 17.49 -24.56 0.72
O2 EW3 B 7 17.40 -23.39 0.43
N3 EW3 B 7 18.69 -25.08 1.07
C4 EW3 B 7 18.82 -26.32 1.54
O4 EW3 B 7 19.87 -26.71 2.02
C5 EW3 B 7 17.63 -27.26 1.52
C6 EW3 B 7 16.55 -26.79 0.53
N PRO D 2 18.40 19.58 2.97
CA PRO D 2 17.86 18.23 3.17
C PRO D 2 18.34 17.22 2.13
N GLU D 3 18.71 16.03 2.62
CA GLU D 3 19.29 14.95 1.82
C GLU D 3 18.31 13.78 1.87
N GLY D 4 18.72 12.63 1.34
CA GLY D 4 17.82 11.46 1.24
C GLY D 4 17.11 11.19 2.56
N PRO D 5 17.78 11.17 3.72
CA PRO D 5 17.09 10.86 4.97
C PRO D 5 15.95 11.83 5.30
N GLU D 6 16.11 13.11 4.99
CA GLU D 6 15.11 14.19 5.29
C GLU D 6 13.90 14.01 4.36
N LEU D 7 14.17 13.67 3.11
CA LEU D 7 13.09 13.45 2.11
C LEU D 7 12.28 12.24 2.55
N HIS D 8 12.98 11.17 2.94
CA HIS D 8 12.35 9.94 3.44
C HIS D 8 11.50 10.25 4.69
N LEU D 9 12.05 11.00 5.65
CA LEU D 9 11.32 11.28 6.91
C LEU D 9 10.11 12.15 6.62
N ALA D 10 10.25 13.10 5.68
CA ALA D 10 9.15 14.00 5.26
C ALA D 10 7.99 13.17 4.71
N SER D 11 8.30 12.21 3.83
CA SER D 11 7.28 11.28 3.27
C SER D 11 6.55 10.54 4.40
N GLN D 12 7.27 10.08 5.41
CA GLN D 12 6.65 9.31 6.52
C GLN D 12 5.74 10.25 7.29
N PHE D 13 6.19 11.49 7.47
CA PHE D 13 5.42 12.50 8.23
C PHE D 13 4.07 12.71 7.56
N VAL D 14 4.08 12.95 6.27
CA VAL D 14 2.84 13.22 5.48
C VAL D 14 1.90 12.01 5.54
N ASN D 15 2.38 10.79 5.35
CA ASN D 15 1.51 9.58 5.44
C ASN D 15 0.94 9.42 6.86
N GLU D 16 1.72 9.67 7.92
CA GLU D 16 1.23 9.55 9.33
C GLU D 16 0.19 10.63 9.63
N ALA D 17 0.53 11.89 9.31
CA ALA D 17 -0.26 13.09 9.67
C ALA D 17 -1.57 13.08 8.89
N CYS D 18 -1.56 12.61 7.65
CA CYS D 18 -2.72 12.75 6.72
C CYS D 18 -3.50 11.44 6.66
N ARG D 19 -3.06 10.41 7.37
CA ARG D 19 -3.69 9.06 7.26
C ARG D 19 -5.22 9.19 7.30
N ALA D 20 -5.77 9.90 8.28
CA ALA D 20 -7.22 9.91 8.50
C ALA D 20 -7.80 11.30 8.27
N LEU D 21 -7.11 12.15 7.52
CA LEU D 21 -7.63 13.51 7.17
C LEU D 21 -8.21 13.45 5.76
N VAL D 22 -9.29 14.20 5.55
CA VAL D 22 -9.87 14.44 4.20
C VAL D 22 -9.69 15.93 3.89
N PHE D 23 -8.94 16.20 2.82
CA PHE D 23 -8.73 17.55 2.29
C PHE D 23 -9.90 17.87 1.37
N GLY D 24 -10.12 19.16 1.11
CA GLY D 24 -11.11 19.63 0.13
C GLY D 24 -10.77 21.01 -0.36
N GLY D 25 -11.30 21.35 -1.53
CA GLY D 25 -11.17 22.69 -2.14
C GLY D 25 -10.02 22.70 -3.11
N CYS D 26 -9.32 23.82 -3.14
CA CYS D 26 -8.19 24.13 -4.05
C CYS D 26 -6.88 23.90 -3.29
N VAL D 27 -5.80 23.88 -4.05
CA VAL D 27 -4.41 23.91 -3.55
C VAL D 27 -3.89 25.35 -3.73
N GLU D 28 -3.71 26.01 -2.59
CA GLU D 28 -3.28 27.43 -2.51
C GLU D 28 -1.75 27.48 -2.49
N LYS D 29 -1.19 28.35 -3.34
CA LYS D 29 0.23 28.73 -3.46
C LYS D 29 0.41 30.12 -2.86
N SER D 30 1.53 30.41 -2.23
CA SER D 30 1.85 31.75 -1.70
C SER D 30 1.94 32.76 -2.86
N SER D 31 1.84 34.06 -2.54
CA SER D 31 1.91 35.14 -3.53
C SER D 31 3.35 35.34 -4.03
N VAL D 32 4.37 34.77 -3.38
CA VAL D 32 5.79 35.04 -3.75
C VAL D 32 6.41 33.89 -4.55
N SER D 33 5.82 32.69 -4.50
CA SER D 33 6.38 31.45 -5.11
C SER D 33 6.32 31.47 -6.63
N ARG D 34 7.45 31.26 -7.30
CA ARG D 34 7.54 31.23 -8.80
C ARG D 34 7.31 29.80 -9.29
N ASN D 35 7.01 28.86 -8.40
CA ASN D 35 6.60 27.50 -8.79
C ASN D 35 5.18 27.51 -9.35
N PRO D 36 4.80 26.50 -10.17
CA PRO D 36 3.52 26.54 -10.87
C PRO D 36 2.30 26.38 -9.95
N GLU D 37 1.17 26.97 -10.36
CA GLU D 37 -0.17 26.75 -9.76
C GLU D 37 -0.52 25.27 -9.95
N VAL D 38 -1.12 24.68 -8.94
CA VAL D 38 -1.63 23.28 -8.97
C VAL D 38 -3.09 23.32 -9.40
N PRO D 39 -3.42 22.89 -10.64
CA PRO D 39 -4.80 22.96 -11.14
C PRO D 39 -5.52 21.71 -10.63
N PHE D 40 -5.96 21.76 -9.37
CA PHE D 40 -6.58 20.64 -8.64
C PHE D 40 -7.58 21.22 -7.64
N GLU D 41 -8.84 20.81 -7.83
CA GLU D 41 -9.97 21.10 -6.93
C GLU D 41 -10.78 19.80 -6.79
N SER D 42 -11.17 19.48 -5.56
CA SER D 42 -11.97 18.27 -5.22
C SER D 42 -12.69 18.54 -3.89
N SER D 43 -13.93 18.09 -3.77
CA SER D 43 -14.81 18.27 -2.58
C SER D 43 -14.33 17.39 -1.42
N ALA D 44 -13.50 16.38 -1.72
CA ALA D 44 -13.03 15.33 -0.78
C ALA D 44 -11.91 14.55 -1.44
N TYR D 45 -10.68 14.71 -0.93
CA TYR D 45 -9.47 14.01 -1.41
C TYR D 45 -8.53 13.70 -0.23
N ARG D 46 -7.74 12.65 -0.42
CA ARG D 46 -6.69 12.24 0.54
C ARG D 46 -5.32 12.49 -0.12
N ILE D 47 -4.33 12.78 0.72
CA ILE D 47 -2.93 13.02 0.35
C ILE D 47 -2.10 11.84 0.85
N SER D 48 -1.21 11.32 0.00
CA SER D 48 -0.20 10.29 0.37
C SER D 48 1.15 10.66 -0.25
N ALA D 49 2.23 10.09 0.27
CA ALA D 49 3.59 10.51 -0.09
C ALA D 49 4.53 9.32 -0.19
N SER D 50 5.55 9.44 -1.04
CA SER D 50 6.66 8.48 -1.12
C SER D 50 7.90 9.28 -1.50
N ALA D 51 9.06 8.87 -1.02
CA ALA D 51 10.34 9.49 -1.35
C ALA D 51 11.10 8.57 -2.27
N ARG D 52 11.94 9.15 -3.10
CA ARG D 52 12.98 8.45 -3.88
C ARG D 52 14.16 9.40 -3.97
N GLY D 53 15.25 9.08 -3.27
CA GLY D 53 16.46 9.91 -3.34
C GLY D 53 16.15 11.26 -2.75
N LYS D 54 16.49 12.32 -3.48
CA LYS D 54 16.30 13.71 -3.02
C LYS D 54 15.01 14.27 -3.62
N GLU D 55 14.02 13.42 -3.89
CA GLU D 55 12.68 13.85 -4.39
C GLU D 55 11.58 13.24 -3.53
N LEU D 56 10.45 13.92 -3.44
CA LEU D 56 9.24 13.41 -2.74
C LEU D 56 8.05 13.55 -3.66
N ARG D 57 7.17 12.55 -3.69
CA ARG D 57 5.99 12.56 -4.57
C ARG D 57 4.72 12.52 -3.73
N LEU D 58 3.90 13.57 -3.81
CA LEU D 58 2.55 13.65 -3.17
C LEU D 58 1.53 13.18 -4.19
N ILE D 59 0.59 12.34 -3.79
CA ILE D 59 -0.57 11.98 -4.66
C ILE D 59 -1.83 12.51 -3.97
N LEU D 60 -2.56 13.37 -4.70
CA LEU D 60 -3.90 13.90 -4.32
C LEU D 60 -4.94 12.98 -4.96
N SER D 61 -5.66 12.21 -4.14
CA SER D 61 -6.61 11.14 -4.56
C SER D 61 -8.03 11.50 -4.17
N PRO D 62 -8.87 12.00 -5.11
CA PRO D 62 -10.27 12.24 -4.83
C PRO D 62 -10.91 10.93 -4.33
N LEU D 63 -11.84 11.05 -3.37
CA LEU D 63 -12.70 9.95 -2.87
C LEU D 63 -13.73 9.59 -3.92
N PRO D 64 -14.28 8.35 -3.89
CA PRO D 64 -15.31 7.96 -4.84
C PRO D 64 -16.47 8.95 -4.77
N GLY D 65 -16.88 9.52 -5.90
CA GLY D 65 -18.02 10.46 -5.97
C GLY D 65 -17.64 11.92 -5.74
N ALA D 66 -16.44 12.19 -5.27
CA ALA D 66 -16.04 13.55 -5.04
C ALA D 66 -16.27 14.31 -6.32
N GLN D 67 -16.54 15.61 -6.21
CA GLN D 67 -16.80 16.43 -7.36
C GLN D 67 -15.79 17.54 -7.50
N PRO D 68 -15.47 17.96 -8.72
CA PRO D 68 -15.65 17.34 -10.04
C PRO D 68 -14.96 16.02 -10.19
N GLN D 69 -15.39 15.24 -11.16
CA GLN D 69 -14.78 13.95 -11.38
C GLN D 69 -13.44 14.14 -12.02
N GLN D 70 -12.44 13.46 -11.49
CA GLN D 70 -11.09 13.52 -11.98
C GLN D 70 -10.25 12.42 -11.41
N GLU D 71 -9.19 12.12 -12.13
CA GLU D 71 -8.20 11.09 -11.72
C GLU D 71 -7.29 11.74 -10.67
N PRO D 72 -6.60 10.91 -9.84
CA PRO D 72 -5.57 11.40 -8.94
C PRO D 72 -4.67 12.43 -9.65
N LEU D 73 -4.10 13.37 -8.90
CA LEU D 73 -2.99 14.24 -9.37
C LEU D 73 -1.73 13.99 -8.52
N ALA D 74 -0.60 13.78 -9.19
CA ALA D 74 0.71 13.59 -8.53
C ALA D 74 1.56 14.85 -8.76
N LEU D 75 2.30 15.25 -7.72
CA LEU D 75 3.27 16.38 -7.71
C LEU D 75 4.59 15.80 -7.23
N VAL D 76 5.73 16.22 -7.77
CA VAL D 76 7.06 15.83 -7.23
C VAL D 76 7.78 17.09 -6.73
N PHE D 77 8.30 17.02 -5.52
CA PHE D 77 9.01 18.10 -4.82
C PHE D 77 10.51 17.80 -4.74
N ARG D 78 11.34 18.80 -5.01
CA ARG D 78 12.71 18.94 -4.51
C ARG D 78 12.74 20.08 -3.48
N PHE D 79 13.47 19.90 -2.41
CA PHE D 79 13.47 20.71 -1.18
C PHE D 79 14.51 21.82 -1.26
N GLY D 80 15.41 21.79 -2.23
CA GLY D 80 16.56 22.72 -2.24
C GLY D 80 17.26 22.70 -0.90
N MET D 81 17.59 23.88 -0.37
CA MET D 81 18.37 24.06 0.87
C MET D 81 17.49 24.10 2.12
N SER D 82 16.18 24.31 2.06
CA SER D 82 15.40 24.59 3.29
C SER D 82 13.96 24.05 3.26
N GLY D 83 13.61 23.17 2.34
CA GLY D 83 12.24 22.66 2.22
C GLY D 83 11.89 21.68 3.33
N SER D 84 10.59 21.46 3.53
CA SER D 84 9.98 20.65 4.61
C SER D 84 8.45 20.70 4.49
N PHE D 85 7.75 19.79 5.16
CA PHE D 85 6.27 19.77 5.29
C PHE D 85 5.89 19.97 6.76
N GLN D 86 4.83 20.74 7.02
CA GLN D 86 4.26 20.96 8.38
C GLN D 86 2.73 20.83 8.33
N LEU D 87 2.16 20.21 9.38
CA LEU D 87 0.69 20.11 9.53
C LEU D 87 0.29 21.13 10.59
N VAL D 88 -0.34 22.23 10.21
CA VAL D 88 -0.59 23.39 11.11
C VAL D 88 -2.07 23.75 11.10
N PRO D 89 -2.52 24.50 12.14
CA PRO D 89 -3.83 25.13 12.11
C PRO D 89 -3.95 26.11 10.89
N ARG D 90 -5.12 26.07 10.23
CA ARG D 90 -5.43 26.83 8.98
C ARG D 90 -5.11 28.32 9.17
N GLU D 91 -5.33 28.85 10.38
CA GLU D 91 -5.13 30.28 10.71
C GLU D 91 -3.74 30.52 11.33
N GLU D 92 -2.88 29.51 11.43
CA GLU D 92 -1.49 29.73 11.92
C GLU D 92 -0.51 29.17 10.90
N LEU D 93 -0.63 29.59 9.65
CA LEU D 93 0.39 29.28 8.60
C LEU D 93 1.74 29.81 9.07
N PRO D 94 2.81 29.02 9.08
CA PRO D 94 4.14 29.55 9.34
C PRO D 94 4.51 30.48 8.17
N ARG D 95 5.43 31.39 8.40
CA ARG D 95 6.01 32.14 7.24
C ARG D 95 6.72 31.13 6.33
N HIS D 96 6.72 31.43 5.04
CA HIS D 96 7.41 30.66 3.99
C HIS D 96 6.59 29.42 3.67
N ALA D 97 5.30 29.38 4.04
CA ALA D 97 4.38 28.31 3.59
C ALA D 97 3.97 28.61 2.15
N HIS D 98 4.64 27.98 1.18
CA HIS D 98 4.55 28.33 -0.25
C HIS D 98 3.50 27.48 -0.98
N LEU D 99 3.09 26.35 -0.40
CA LEU D 99 1.98 25.53 -0.94
C LEU D 99 1.20 24.93 0.22
N ARG D 100 -0.12 24.91 0.13
CA ARG D 100 -1.05 24.68 1.28
C ARG D 100 -2.22 23.84 0.74
N PHE D 101 -2.51 22.77 1.49
CA PHE D 101 -3.63 21.82 1.28
C PHE D 101 -4.52 21.91 2.53
N TYR D 102 -5.82 22.02 2.30
CA TYR D 102 -6.77 22.49 3.33
C TYR D 102 -7.77 21.37 3.64
N THR D 103 -7.90 21.02 4.91
CA THR D 103 -8.83 19.94 5.38
C THR D 103 -10.25 20.40 5.12
N ALA D 104 -11.13 19.47 4.75
CA ALA D 104 -12.53 19.70 4.32
C ALA D 104 -13.43 20.09 5.49
N PRO D 105 -14.68 20.57 5.21
CA PRO D 105 -15.70 20.75 6.24
C PRO D 105 -15.79 19.53 7.14
N PRO D 106 -16.55 19.61 8.24
CA PRO D 106 -16.02 19.89 9.58
C PRO D 106 -14.96 18.98 10.22
N GLY D 107 -14.60 19.30 11.47
CA GLY D 107 -13.34 18.94 12.14
C GLY D 107 -12.50 20.20 12.36
N PRO D 108 -11.42 20.15 13.21
CA PRO D 108 -10.41 21.21 13.24
C PRO D 108 -9.77 21.46 11.85
N ARG D 109 -9.85 22.71 11.39
CA ARG D 109 -9.46 23.11 10.01
C ARG D 109 -7.94 23.16 9.97
N LEU D 110 -7.32 22.22 9.26
CA LEU D 110 -5.84 22.09 9.21
C LEU D 110 -5.34 22.47 7.82
N ALA D 111 -4.05 22.83 7.77
CA ALA D 111 -3.28 23.03 6.52
C ALA D 111 -2.04 22.14 6.53
N LEU D 112 -1.90 21.28 5.52
CA LEU D 112 -0.59 20.70 5.14
C LEU D 112 0.16 21.74 4.31
N CYS D 113 1.37 22.11 4.71
CA CYS D 113 2.17 23.18 4.09
C CYS D 113 3.54 22.68 3.65
N PHE D 114 3.93 23.00 2.42
CA PHE D 114 5.34 23.01 1.97
C PHE D 114 5.97 24.34 2.38
N VAL D 115 6.91 24.30 3.32
CA VAL D 115 7.63 25.46 3.89
C VAL D 115 9.06 25.45 3.37
N ASP D 116 9.53 26.61 2.87
CA ASP D 116 10.81 26.74 2.13
C ASP D 116 11.35 28.16 2.29
N ILE D 117 12.07 28.39 3.39
CA ILE D 117 12.66 29.69 3.78
C ILE D 117 13.29 30.29 2.51
N ARG D 118 14.22 29.59 1.87
CA ARG D 118 15.10 30.21 0.83
C ARG D 118 14.53 30.05 -0.58
N ARG D 119 13.48 29.24 -0.76
CA ARG D 119 12.70 29.13 -2.01
C ARG D 119 13.54 28.47 -3.12
N PHE D 120 14.57 27.70 -2.82
CA PHE D 120 15.34 26.93 -3.82
C PHE D 120 14.56 25.65 -4.18
N GLY D 121 13.62 25.23 -3.34
CA GLY D 121 12.71 24.11 -3.60
C GLY D 121 11.83 24.37 -4.80
N ARG D 122 11.40 23.29 -5.44
CA ARG D 122 10.68 23.28 -6.74
C ARG D 122 9.70 22.13 -6.65
N TRP D 123 8.56 22.25 -7.35
CA TRP D 123 7.60 21.15 -7.56
C TRP D 123 7.14 21.19 -9.01
N ASP D 124 6.85 20.02 -9.58
CA ASP D 124 6.38 19.88 -10.98
C ASP D 124 5.07 19.12 -10.98
N LEU D 125 4.15 19.53 -11.85
CA LEU D 125 2.91 18.78 -12.13
C LEU D 125 3.31 17.51 -12.88
N GLY D 126 2.65 16.40 -12.64
CA GLY D 126 3.13 15.11 -13.16
C GLY D 126 3.82 14.36 -12.03
N GLY D 127 3.50 13.09 -11.88
CA GLY D 127 4.09 12.28 -10.80
C GLY D 127 5.47 11.75 -11.15
N LYS D 128 6.17 12.26 -12.17
CA LYS D 128 7.41 11.58 -12.67
C LYS D 128 8.63 12.02 -11.87
N TRP D 129 9.45 11.02 -11.46
CA TRP D 129 10.80 11.24 -10.91
C TRP D 129 11.62 11.94 -11.99
N GLN D 130 12.64 12.66 -11.57
CA GLN D 130 13.44 13.46 -12.51
C GLN D 130 14.20 12.52 -13.45
N PRO D 131 14.05 12.66 -14.77
CA PRO D 131 14.76 11.80 -15.71
C PRO D 131 16.26 11.91 -15.44
N GLY D 132 16.94 10.77 -15.46
CA GLY D 132 18.40 10.77 -15.27
C GLY D 132 18.81 10.54 -13.84
N ARG D 133 17.94 10.77 -12.84
CA ARG D 133 18.30 10.47 -11.44
C ARG D 133 18.39 8.95 -11.28
N GLY D 134 19.44 8.49 -10.61
CA GLY D 134 19.64 7.05 -10.35
C GLY D 134 18.76 6.57 -9.23
N PRO D 135 18.84 5.26 -8.91
CA PRO D 135 17.98 4.65 -7.90
C PRO D 135 18.24 5.21 -6.50
N CYS D 136 17.23 5.18 -5.66
CA CYS D 136 17.31 5.70 -4.27
C CYS D 136 18.33 4.85 -3.49
N VAL D 137 19.37 5.47 -2.95
CA VAL D 137 20.35 4.77 -2.07
C VAL D 137 19.63 4.16 -0.88
N LEU D 138 18.50 4.71 -0.41
CA LEU D 138 17.81 4.11 0.77
C LEU D 138 16.93 2.96 0.32
N GLN D 139 16.13 3.11 -0.72
CA GLN D 139 14.99 2.18 -0.97
C GLN D 139 15.24 1.31 -2.21
N GLU D 140 16.30 1.55 -2.98
CA GLU D 140 16.62 0.77 -4.18
C GLU D 140 18.12 0.41 -4.12
N TYR D 141 18.59 -0.07 -2.97
CA TYR D 141 20.05 -0.25 -2.73
C TYR D 141 20.68 -1.13 -3.81
N GLN D 142 20.15 -2.32 -4.05
CA GLN D 142 20.79 -3.25 -5.02
C GLN D 142 20.82 -2.62 -6.42
N GLN D 143 19.76 -1.94 -6.83
CA GLN D 143 19.71 -1.28 -8.16
C GLN D 143 20.73 -0.14 -8.15
N PHE D 144 20.79 0.62 -7.08
CA PHE D 144 21.76 1.73 -6.88
C PHE D 144 23.17 1.17 -7.05
N ARG D 145 23.48 0.06 -6.38
CA ARG D 145 24.85 -0.53 -6.37
C ARG D 145 25.22 -0.94 -7.78
N GLU D 146 24.35 -1.69 -8.46
CA GLU D 146 24.61 -2.23 -9.82
C GLU D 146 24.70 -1.06 -10.80
N ASN D 147 23.86 -0.03 -10.68
CA ASN D 147 23.89 1.15 -11.58
C ASN D 147 25.25 1.87 -11.47
N VAL D 148 25.88 1.89 -10.31
CA VAL D 148 27.27 2.43 -10.18
C VAL D 148 28.29 1.47 -10.82
N LEU D 149 28.37 0.23 -10.38
CA LEU D 149 29.46 -0.71 -10.76
C LEU D 149 29.39 -1.04 -12.27
N ARG D 150 28.21 -0.95 -12.88
CA ARG D 150 27.97 -1.17 -14.33
C ARG D 150 28.34 0.08 -15.14
N ASN D 151 28.67 1.23 -14.55
CA ASN D 151 28.87 2.50 -15.31
C ASN D 151 30.11 3.28 -14.84
N LEU D 152 31.16 2.62 -14.34
CA LEU D 152 32.42 3.28 -13.90
C LEU D 152 33.14 3.97 -15.07
N ALA D 153 32.78 3.66 -16.32
CA ALA D 153 33.45 4.23 -17.52
C ALA D 153 33.03 5.70 -17.72
N ASP D 154 31.78 6.01 -17.37
CA ASP D 154 31.19 7.38 -17.41
C ASP D 154 32.19 8.40 -16.85
N LYS D 155 32.35 9.52 -17.55
CA LYS D 155 33.29 10.61 -17.17
C LYS D 155 32.91 11.19 -15.81
N ALA D 156 31.74 10.83 -15.28
CA ALA D 156 31.33 11.19 -13.91
C ALA D 156 32.40 10.75 -12.92
N PHE D 157 32.96 9.56 -13.11
CA PHE D 157 33.87 8.89 -12.14
C PHE D 157 35.34 9.30 -12.39
N ASP D 158 35.59 10.17 -13.39
CA ASP D 158 36.92 10.81 -13.60
C ASP D 158 37.19 11.81 -12.47
N ARG D 159 36.12 12.29 -11.83
CA ARG D 159 36.17 13.42 -10.86
C ARG D 159 36.56 12.89 -9.49
N PRO D 160 37.00 13.78 -8.57
CA PRO D 160 37.19 13.42 -7.16
C PRO D 160 36.01 12.65 -6.56
N ILE D 161 36.29 11.71 -5.66
CA ILE D 161 35.21 10.86 -5.09
C ILE D 161 34.22 11.78 -4.37
N CYS D 162 34.68 12.87 -3.75
CA CYS D 162 33.78 13.75 -2.95
C CYS D 162 32.83 14.48 -3.90
N GLU D 163 33.23 14.72 -5.15
CA GLU D 163 32.35 15.36 -6.16
C GLU D 163 31.41 14.32 -6.79
N ALA D 164 31.93 13.15 -7.14
CA ALA D 164 31.15 12.03 -7.72
C ALA D 164 29.96 11.69 -6.83
N LEU D 165 30.14 11.73 -5.51
CA LEU D 165 29.11 11.35 -4.50
C LEU D 165 27.94 12.34 -4.48
N LEU D 166 28.07 13.55 -5.06
CA LEU D 166 26.94 14.51 -5.22
C LEU D 166 26.23 14.30 -6.57
N ASP D 167 26.78 13.51 -7.49
CA ASP D 167 26.15 13.33 -8.82
C ASP D 167 24.88 12.51 -8.65
N GLN D 168 23.71 13.13 -8.77
CA GLN D 168 22.43 12.46 -8.44
C GLN D 168 22.04 11.45 -9.53
N ARG D 169 22.84 11.33 -10.59
CA ARG D 169 22.60 10.27 -11.60
C ARG D 169 23.02 8.89 -11.03
N PHE D 170 23.90 8.89 -10.02
CA PHE D 170 24.52 7.66 -9.43
C PHE D 170 24.33 7.56 -7.91
N PHE D 171 24.13 8.67 -7.21
CA PHE D 171 24.05 8.72 -5.73
C PHE D 171 22.84 9.53 -5.32
N ASN D 172 21.70 9.22 -5.93
CA ASN D 172 20.43 9.94 -5.72
C ASN D 172 20.08 9.87 -4.23
N GLY D 173 20.21 11.00 -3.54
CA GLY D 173 19.93 11.08 -2.10
C GLY D 173 21.13 11.52 -1.29
N ILE D 174 22.33 11.52 -1.87
CA ILE D 174 23.56 11.88 -1.12
C ILE D 174 23.78 13.38 -1.32
N GLY D 175 24.00 14.09 -0.23
CA GLY D 175 24.38 15.51 -0.23
C GLY D 175 25.61 15.78 0.59
N ASN D 176 25.76 17.03 0.99
CA ASN D 176 27.06 17.57 1.45
C ASN D 176 27.43 17.02 2.83
N TYR D 177 26.44 16.74 3.70
CA TYR D 177 26.73 16.15 5.04
C TYR D 177 26.99 14.65 4.87
N LEU D 178 26.22 13.93 4.06
CA LEU D 178 26.39 12.46 3.90
C LEU D 178 27.74 12.15 3.26
N ARG D 179 28.19 12.91 2.25
CA ARG D 179 29.49 12.59 1.56
C ARG D 179 30.64 12.76 2.57
N ALA D 180 30.57 13.76 3.44
CA ALA D 180 31.60 13.96 4.49
C ALA D 180 31.59 12.75 5.43
N GLU D 181 30.41 12.44 5.96
CA GLU D 181 30.21 11.36 6.95
C GLU D 181 30.63 10.03 6.32
N ILE D 182 30.26 9.77 5.06
CA ILE D 182 30.53 8.47 4.39
C ILE D 182 32.05 8.33 4.21
N LEU D 183 32.72 9.33 3.66
CA LEU D 183 34.18 9.29 3.40
C LEU D 183 34.96 9.22 4.72
N TYR D 184 34.46 9.83 5.80
CA TYR D 184 35.16 9.82 7.10
C TYR D 184 35.15 8.40 7.69
N ARG D 185 34.04 7.66 7.55
CA ARG D 185 33.91 6.27 8.07
C ARG D 185 35.00 5.36 7.50
N LEU D 186 35.44 5.60 6.26
CA LEU D 186 36.46 4.75 5.58
C LEU D 186 37.81 5.46 5.43
N LYS D 187 37.96 6.67 5.96
CA LYS D 187 39.17 7.53 5.81
C LYS D 187 39.67 7.48 4.37
N ILE D 188 38.79 7.64 3.39
CA ILE D 188 39.15 7.80 1.96
C ILE D 188 39.36 9.30 1.72
N PRO D 189 40.57 9.73 1.32
CA PRO D 189 40.78 11.13 0.98
C PRO D 189 39.74 11.64 -0.01
N PRO D 190 39.07 12.76 0.30
CA PRO D 190 37.97 13.26 -0.52
C PRO D 190 38.33 13.58 -1.98
N PHE D 191 39.60 13.89 -2.25
CA PHE D 191 40.06 14.23 -3.61
C PHE D 191 40.87 13.08 -4.22
N GLU D 192 40.72 11.87 -3.66
CA GLU D 192 41.03 10.62 -4.40
C GLU D 192 40.13 10.60 -5.64
N LYS D 193 40.60 10.07 -6.76
CA LYS D 193 39.81 9.87 -8.00
C LYS D 193 38.75 8.80 -7.75
N ALA D 194 37.49 9.07 -8.13
CA ALA D 194 36.33 8.20 -7.85
C ALA D 194 36.52 6.80 -8.46
N ARG D 195 36.87 6.70 -9.74
CA ARG D 195 37.12 5.41 -10.45
C ARG D 195 38.10 4.53 -9.67
N SER D 196 39.19 5.10 -9.13
CA SER D 196 40.24 4.38 -8.36
C SER D 196 39.60 3.67 -7.16
N VAL D 197 38.73 4.37 -6.43
CA VAL D 197 38.16 3.90 -5.14
C VAL D 197 37.08 2.86 -5.41
N LEU D 198 36.46 2.91 -6.59
CA LEU D 198 35.25 2.13 -6.97
C LEU D 198 35.61 0.83 -7.71
N GLU D 199 36.62 0.85 -8.60
CA GLU D 199 37.07 -0.31 -9.45
C GLU D 199 37.34 -1.55 -8.59
N ALA D 200 37.90 -1.37 -7.38
CA ALA D 200 38.15 -2.41 -6.35
C ALA D 200 36.98 -3.42 -6.25
N LEU D 201 35.74 -2.95 -6.43
CA LEU D 201 34.49 -3.70 -6.13
C LEU D 201 33.87 -4.26 -7.41
N GLN D 202 34.45 -3.99 -8.59
CA GLN D 202 33.81 -4.24 -9.92
C GLN D 202 33.86 -5.73 -10.25
N ASN D 222 33.32 -4.79 8.10
CA ASN D 222 34.13 -4.18 7.01
C ASN D 222 33.25 -3.70 5.83
N PRO D 223 32.25 -2.81 6.02
CA PRO D 223 31.41 -2.33 4.90
C PRO D 223 32.19 -1.45 3.92
N ASP D 224 31.92 -1.59 2.61
CA ASP D 224 32.57 -0.82 1.51
C ASP D 224 31.79 0.49 1.25
N LEU D 225 32.29 1.32 0.33
CA LEU D 225 31.85 2.71 0.12
C LEU D 225 30.39 2.72 -0.35
N LEU D 226 30.01 1.78 -1.20
CA LEU D 226 28.63 1.71 -1.75
C LEU D 226 27.67 1.19 -0.68
N GLU D 227 28.12 0.30 0.22
CA GLU D 227 27.27 -0.15 1.37
C GLU D 227 26.96 1.03 2.28
N LEU D 228 27.96 1.88 2.58
CA LEU D 228 27.82 3.04 3.50
C LEU D 228 26.90 4.09 2.86
N CYS D 229 26.91 4.21 1.53
CA CYS D 229 26.01 5.10 0.78
C CYS D 229 24.55 4.79 1.13
N HIS D 230 24.30 3.58 1.61
CA HIS D 230 22.96 3.11 2.04
C HIS D 230 22.87 3.09 3.57
N SER D 231 23.86 2.53 4.27
CA SER D 231 23.75 2.29 5.73
C SER D 231 23.92 3.61 6.50
N VAL D 232 24.72 4.55 6.01
CA VAL D 232 24.91 5.83 6.74
C VAL D 232 23.61 6.65 6.73
N PRO D 233 23.03 6.97 5.57
CA PRO D 233 21.70 7.57 5.57
C PRO D 233 20.65 6.79 6.35
N LYS D 234 20.66 5.46 6.28
CA LYS D 234 19.67 4.65 7.06
C LYS D 234 19.82 4.93 8.57
N GLU D 235 21.04 5.24 9.04
CA GLU D 235 21.29 5.58 10.47
C GLU D 235 20.49 6.83 10.84
N VAL D 236 20.55 7.85 9.98
CA VAL D 236 19.86 9.15 10.18
C VAL D 236 18.36 8.91 10.22
N VAL D 237 17.84 8.06 9.33
CA VAL D 237 16.39 7.74 9.28
C VAL D 237 15.97 7.13 10.61
N GLN D 238 16.84 6.31 11.20
CA GLN D 238 16.51 5.49 12.40
C GLN D 238 16.53 6.38 13.65
N LEU D 239 17.17 7.56 13.60
CA LEU D 239 17.07 8.57 14.70
C LEU D 239 15.61 9.03 14.88
N GLY D 240 14.95 9.46 13.79
CA GLY D 240 13.54 9.88 13.77
C GLY D 240 13.42 11.29 13.22
N GLY D 241 12.21 11.87 13.23
CA GLY D 241 11.95 13.28 12.83
C GLY D 241 11.52 13.42 11.37
N ASP D 252 15.33 15.71 18.35
CA ASP D 252 15.71 15.21 17.01
C ASP D 252 16.88 16.04 16.45
N PHE D 253 16.91 17.35 16.73
CA PHE D 253 17.98 18.29 16.30
C PHE D 253 19.28 17.95 17.04
N ALA D 254 19.14 17.69 18.34
CA ALA D 254 20.25 17.34 19.27
C ALA D 254 20.75 15.93 18.91
N ALA D 255 19.81 14.99 18.70
CA ALA D 255 20.07 13.60 18.25
C ALA D 255 21.03 13.61 17.05
N PHE D 256 20.74 14.48 16.07
CA PHE D 256 21.47 14.56 14.78
C PHE D 256 22.88 15.14 14.99
N ARG D 257 23.00 16.22 15.75
CA ARG D 257 24.31 16.91 15.97
C ARG D 257 25.31 15.97 16.70
N ALA D 258 24.77 15.07 17.54
CA ALA D 258 25.52 14.05 18.33
C ALA D 258 25.96 12.87 17.44
N TRP D 259 25.13 12.49 16.47
CA TRP D 259 25.41 11.42 15.47
C TRP D 259 26.60 11.84 14.60
N LEU D 260 26.65 13.11 14.21
CA LEU D 260 27.66 13.65 13.25
C LEU D 260 29.05 13.39 13.82
N ARG D 261 29.96 12.82 13.01
CA ARG D 261 31.34 12.55 13.44
C ARG D 261 32.31 13.51 12.76
N CYS D 262 31.96 14.05 11.60
CA CYS D 262 32.91 14.79 10.73
C CYS D 262 32.33 16.14 10.28
N TYR D 263 31.20 16.16 9.57
CA TYR D 263 30.61 17.36 8.92
C TYR D 263 30.44 18.46 9.97
N GLY D 264 31.23 19.55 9.86
CA GLY D 264 31.16 20.75 10.72
C GLY D 264 31.74 20.57 12.11
N MET D 265 32.47 19.50 12.41
CA MET D 265 32.87 19.17 13.81
C MET D 265 34.23 19.80 14.11
N PRO D 266 34.49 20.18 15.40
CA PRO D 266 35.78 20.74 15.78
C PRO D 266 36.94 19.81 15.41
N GLY D 267 38.05 20.39 14.93
CA GLY D 267 39.28 19.67 14.57
C GLY D 267 39.23 18.99 13.21
N MET D 268 38.16 19.16 12.44
CA MET D 268 38.06 18.59 11.07
C MET D 268 38.65 19.61 10.10
N SER D 269 39.30 19.15 9.02
CA SER D 269 39.74 20.01 7.90
C SER D 269 38.55 20.23 6.97
N SER D 270 38.57 21.27 6.15
CA SER D 270 37.54 21.54 5.11
C SER D 270 38.17 22.22 3.90
N LEU D 271 37.70 21.88 2.70
CA LEU D 271 38.11 22.54 1.44
C LEU D 271 36.86 22.77 0.59
N GLN D 272 37.02 23.55 -0.47
CA GLN D 272 36.00 23.75 -1.54
C GLN D 272 36.31 22.77 -2.69
N ASP D 273 35.32 22.02 -3.15
CA ASP D 273 35.40 21.24 -4.42
C ASP D 273 35.31 22.22 -5.59
N ARG D 274 35.38 21.75 -6.83
CA ARG D 274 35.44 22.61 -8.05
C ARG D 274 34.12 23.39 -8.19
N HIS D 275 33.04 23.01 -7.51
CA HIS D 275 31.73 23.71 -7.59
C HIS D 275 31.49 24.59 -6.36
N GLY D 276 32.54 24.91 -5.58
CA GLY D 276 32.47 25.84 -4.45
C GLY D 276 31.74 25.28 -3.23
N ARG D 277 31.47 23.96 -3.18
CA ARG D 277 30.82 23.31 -2.03
C ARG D 277 31.87 22.75 -1.08
N THR D 278 31.59 22.81 0.23
CA THR D 278 32.56 22.54 1.31
C THR D 278 32.53 21.04 1.63
N ILE D 279 33.67 20.37 1.46
CA ILE D 279 33.87 18.96 1.94
C ILE D 279 34.63 19.02 3.27
N TRP D 280 34.07 18.38 4.30
CA TRP D 280 34.70 18.12 5.62
C TRP D 280 35.37 16.73 5.59
N PHE D 281 36.51 16.61 6.29
CA PHE D 281 37.37 15.41 6.29
C PHE D 281 38.47 15.53 7.38
N GLN D 282 39.12 14.40 7.66
CA GLN D 282 40.31 14.31 8.53
C GLN D 282 41.48 13.81 7.69
N GLY D 283 42.65 14.43 7.84
CA GLY D 283 43.89 13.90 7.23
C GLY D 283 44.02 14.31 5.76
N ASP D 284 44.54 13.37 4.95
CA ASP D 284 45.00 13.59 3.56
C ASP D 284 43.84 14.17 2.76
N PRO D 285 43.96 15.38 2.18
CA PRO D 285 42.97 15.88 1.24
C PRO D 285 42.87 14.98 -0.02
N GLY D 286 44.00 14.43 -0.47
CA GLY D 286 44.05 13.51 -1.63
C GLY D 286 44.62 14.19 -2.87
N PRO D 287 44.94 13.41 -3.93
CA PRO D 287 45.65 13.93 -5.10
C PRO D 287 45.02 15.12 -5.84
N LEU D 288 43.71 15.10 -6.12
CA LEU D 288 43.06 16.01 -7.12
C LEU D 288 42.47 17.24 -6.43
N ALA D 289 43.08 17.76 -5.37
CA ALA D 289 42.62 18.98 -4.67
C ALA D 289 42.79 20.19 -5.58
N PRO D 290 41.87 21.19 -5.56
CA PRO D 290 42.09 22.45 -6.26
C PRO D 290 43.10 23.34 -5.54
F2 EW3 E 7 20.26 21.11 2.87
C2' EW3 E 7 21.47 20.92 3.42
C3' EW3 E 7 22.53 20.48 2.40
O3' EW3 E 7 22.12 19.30 1.64
C1' EW3 E 7 21.55 19.73 4.40
O4' EW3 E 7 22.97 19.43 4.47
C4' EW3 E 7 23.63 20.04 3.36
C5' EW3 E 7 24.45 21.23 3.88
O5' EW3 E 7 25.04 21.93 2.78
P EW3 E 7 26.13 23.04 3.12
OP2 EW3 E 7 27.28 22.43 3.82
OP1 EW3 E 7 26.48 23.84 1.88
N1 EW3 E 7 20.96 19.92 5.72
C2 EW3 E 7 20.21 18.96 6.27
O2 EW3 E 7 19.49 18.24 5.61
N3 EW3 E 7 20.28 18.78 7.59
C4 EW3 E 7 21.09 19.49 8.38
O4 EW3 E 7 21.11 19.26 9.58
C5 EW3 E 7 21.95 20.60 7.78
C6 EW3 E 7 21.33 21.13 6.46
N PRO G 2 -30.11 -2.47 1.95
CA PRO G 2 -30.22 -1.23 1.17
C PRO G 2 -30.89 -0.09 1.95
N GLU G 3 -30.32 1.11 1.82
CA GLU G 3 -30.80 2.33 2.50
C GLU G 3 -31.28 3.30 1.42
N GLY G 4 -31.61 4.53 1.81
CA GLY G 4 -32.14 5.56 0.90
C GLY G 4 -31.39 5.59 -0.42
N PRO G 5 -30.04 5.65 -0.42
CA PRO G 5 -29.32 5.77 -1.68
C PRO G 5 -29.55 4.58 -2.64
N GLU G 6 -29.69 3.36 -2.10
CA GLU G 6 -29.85 2.13 -2.90
C GLU G 6 -31.26 2.12 -3.50
N LEU G 7 -32.25 2.54 -2.70
CA LEU G 7 -33.65 2.61 -3.19
C LEU G 7 -33.69 3.62 -4.32
N HIS G 8 -33.07 4.79 -4.11
CA HIS G 8 -33.00 5.87 -5.12
C HIS G 8 -32.31 5.36 -6.40
N LEU G 9 -31.17 4.68 -6.27
CA LEU G 9 -30.39 4.22 -7.44
C LEU G 9 -31.16 3.13 -8.17
N ALA G 10 -31.88 2.27 -7.44
CA ALA G 10 -32.75 1.22 -8.01
C ALA G 10 -33.82 1.87 -8.89
N SER G 11 -34.49 2.91 -8.38
CA SER G 11 -35.52 3.67 -9.13
C SER G 11 -34.89 4.24 -10.42
N GLN G 12 -33.66 4.78 -10.37
CA GLN G 12 -33.01 5.39 -11.56
C GLN G 12 -32.72 4.26 -12.56
N PHE G 13 -32.31 3.10 -12.04
CA PHE G 13 -31.96 1.93 -12.88
C PHE G 13 -33.19 1.54 -13.69
N VAL G 14 -34.31 1.35 -13.00
CA VAL G 14 -35.59 0.92 -13.63
C VAL G 14 -36.01 1.93 -14.70
N ASN G 15 -36.01 3.24 -14.41
CA ASN G 15 -36.42 4.27 -15.40
C ASN G 15 -35.49 4.25 -16.61
N GLU G 16 -34.17 4.11 -16.41
CA GLU G 16 -33.18 4.16 -17.53
C GLU G 16 -33.29 2.88 -18.36
N ALA G 17 -33.28 1.72 -17.70
CA ALA G 17 -33.23 0.40 -18.36
C ALA G 17 -34.54 0.12 -19.09
N CYS G 18 -35.67 0.59 -18.55
CA CYS G 18 -37.04 0.27 -19.06
C CYS G 18 -37.49 1.32 -20.07
N ARG G 19 -36.80 2.47 -20.13
CA ARG G 19 -37.11 3.55 -21.10
C ARG G 19 -37.25 2.91 -22.49
N CYS G 26 -48.37 -11.02 -18.14
CA CYS G 26 -48.53 -11.43 -16.72
C CYS G 26 -47.39 -10.82 -15.89
N VAL G 27 -47.67 -10.52 -14.61
CA VAL G 27 -46.66 -10.28 -13.55
C VAL G 27 -46.50 -11.58 -12.75
N GLU G 28 -45.41 -12.32 -13.01
CA GLU G 28 -45.16 -13.68 -12.49
C GLU G 28 -44.42 -13.57 -11.15
N LYS G 29 -44.91 -14.26 -10.12
CA LYS G 29 -44.36 -14.30 -8.75
C LYS G 29 -43.78 -15.69 -8.51
N SER G 30 -42.67 -15.84 -7.79
CA SER G 30 -42.11 -17.17 -7.43
C SER G 30 -43.11 -17.92 -6.53
N SER G 31 -43.05 -19.25 -6.52
CA SER G 31 -44.00 -20.06 -5.71
C SER G 31 -43.59 -20.03 -4.23
N VAL G 32 -42.36 -19.59 -3.91
CA VAL G 32 -41.85 -19.65 -2.51
C VAL G 32 -42.14 -18.33 -1.79
N SER G 33 -42.34 -17.23 -2.52
CA SER G 33 -42.60 -15.88 -1.97
C SER G 33 -44.00 -15.81 -1.36
N ARG G 34 -44.10 -15.41 -0.09
CA ARG G 34 -45.37 -15.23 0.65
C ARG G 34 -45.83 -13.78 0.47
N ASN G 35 -45.21 -13.00 -0.41
CA ASN G 35 -45.77 -11.71 -0.84
C ASN G 35 -46.97 -11.96 -1.77
N PRO G 36 -47.89 -10.99 -1.88
CA PRO G 36 -49.09 -11.15 -2.71
C PRO G 36 -48.84 -11.26 -4.22
N GLU G 37 -49.73 -11.95 -4.92
CA GLU G 37 -49.77 -12.02 -6.40
C GLU G 37 -50.05 -10.61 -6.94
N VAL G 38 -49.38 -10.24 -8.02
CA VAL G 38 -49.63 -8.97 -8.75
C VAL G 38 -50.62 -9.26 -9.88
N PRO G 39 -51.91 -8.83 -9.76
CA PRO G 39 -52.91 -9.11 -10.81
C PRO G 39 -52.78 -8.07 -11.92
N PHE G 40 -51.92 -8.35 -12.92
CA PHE G 40 -51.65 -7.43 -14.07
C PHE G 40 -51.60 -8.21 -15.40
N GLU G 41 -52.35 -7.73 -16.40
CA GLU G 41 -52.24 -8.20 -17.82
C GLU G 41 -52.30 -7.00 -18.77
N SER G 42 -51.48 -7.01 -19.84
CA SER G 42 -51.55 -6.11 -21.04
C SER G 42 -50.63 -6.64 -22.15
N ILE G 47 -43.71 0.37 -17.28
CA ILE G 47 -42.83 0.35 -16.09
C ILE G 47 -42.19 1.74 -15.93
N SER G 48 -42.26 2.30 -14.72
CA SER G 48 -41.56 3.52 -14.28
C SER G 48 -41.39 3.42 -12.75
N ALA G 49 -40.47 4.17 -12.15
CA ALA G 49 -40.15 4.04 -10.72
C ALA G 49 -39.90 5.41 -10.09
N SER G 50 -40.15 5.51 -8.80
CA SER G 50 -39.71 6.65 -7.95
C SER G 50 -39.40 6.09 -6.57
N ALA G 51 -38.44 6.68 -5.88
CA ALA G 51 -38.08 6.29 -4.49
C ALA G 51 -38.55 7.38 -3.55
N ARG G 52 -38.81 7.01 -2.31
CA ARG G 52 -38.98 7.94 -1.17
C ARG G 52 -38.46 7.21 0.07
N GLY G 53 -37.35 7.68 0.61
CA GLY G 53 -36.75 7.07 1.81
C GLY G 53 -36.38 5.63 1.52
N LYS G 54 -36.78 4.72 2.37
CA LYS G 54 -36.46 3.27 2.22
C LYS G 54 -37.62 2.54 1.52
N GLU G 55 -38.40 3.21 0.67
CA GLU G 55 -39.46 2.58 -0.16
C GLU G 55 -39.26 2.94 -1.64
N LEU G 56 -39.68 2.06 -2.54
CA LEU G 56 -39.66 2.32 -4.01
C LEU G 56 -41.06 2.03 -4.56
N ARG G 57 -41.52 2.85 -5.50
CA ARG G 57 -42.85 2.67 -6.12
C ARG G 57 -42.69 2.44 -7.62
N LEU G 58 -43.09 1.25 -8.11
CA LEU G 58 -43.15 0.91 -9.56
C LEU G 58 -44.56 1.24 -10.06
N ILE G 59 -44.71 1.93 -11.20
CA ILE G 59 -46.02 2.22 -11.84
C ILE G 59 -46.06 1.46 -13.18
N LEU G 60 -46.96 0.48 -13.29
CA LEU G 60 -47.16 -0.41 -14.46
C LEU G 60 -48.27 0.19 -15.32
N SER G 61 -47.91 0.73 -16.49
CA SER G 61 -48.80 1.53 -17.39
C SER G 61 -48.94 0.80 -18.71
N PRO G 62 -50.19 0.57 -19.21
CA PRO G 62 -50.36 -0.19 -20.45
C PRO G 62 -49.75 0.41 -21.74
N GLN G 70 -57.13 -1.12 -19.05
CA GLN G 70 -56.61 -1.40 -17.68
C GLN G 70 -56.08 -0.10 -17.08
N GLU G 71 -56.50 0.25 -15.87
CA GLU G 71 -55.98 1.45 -15.17
C GLU G 71 -54.54 1.15 -14.76
N PRO G 72 -53.56 2.06 -15.02
CA PRO G 72 -52.20 1.88 -14.52
C PRO G 72 -52.23 1.46 -13.05
N LEU G 73 -51.26 0.62 -12.63
CA LEU G 73 -51.21 0.04 -11.26
C LEU G 73 -49.86 0.40 -10.64
N ALA G 74 -49.87 0.96 -9.43
CA ALA G 74 -48.66 1.28 -8.63
C ALA G 74 -48.53 0.23 -7.52
N LEU G 75 -47.32 -0.35 -7.37
CA LEU G 75 -46.92 -1.27 -6.27
C LEU G 75 -45.75 -0.64 -5.52
N VAL G 76 -45.73 -0.81 -4.19
CA VAL G 76 -44.64 -0.24 -3.35
C VAL G 76 -43.81 -1.37 -2.76
N PHE G 77 -42.49 -1.28 -2.90
CA PHE G 77 -41.51 -2.28 -2.41
C PHE G 77 -40.73 -1.73 -1.21
N ARG G 78 -40.49 -2.60 -0.23
CA ARG G 78 -39.38 -2.53 0.75
C ARG G 78 -38.39 -3.63 0.41
N PHE G 79 -37.09 -3.33 0.50
CA PHE G 79 -35.99 -4.22 0.02
C PHE G 79 -35.50 -5.13 1.14
N GLY G 80 -35.90 -4.90 2.39
CA GLY G 80 -35.32 -5.66 3.52
C GLY G 80 -33.81 -5.64 3.44
N MET G 81 -33.14 -6.79 3.55
CA MET G 81 -31.66 -6.86 3.65
C MET G 81 -31.01 -7.06 2.27
N SER G 82 -31.72 -7.49 1.23
CA SER G 82 -31.05 -8.01 0.01
C SER G 82 -31.84 -7.73 -1.27
N GLY G 83 -32.85 -6.86 -1.25
CA GLY G 83 -33.67 -6.60 -2.44
C GLY G 83 -32.89 -5.82 -3.49
N SER G 84 -33.34 -5.89 -4.75
CA SER G 84 -32.71 -5.25 -5.93
C SER G 84 -33.55 -5.56 -7.17
N PHE G 85 -33.32 -4.85 -8.27
CA PHE G 85 -33.95 -5.08 -9.60
C PHE G 85 -32.85 -5.44 -10.60
N GLN G 86 -33.17 -6.31 -11.56
CA GLN G 86 -32.28 -6.67 -12.70
C GLN G 86 -33.11 -6.73 -13.99
N LEU G 87 -32.55 -6.25 -15.11
CA LEU G 87 -33.06 -6.59 -16.46
C LEU G 87 -32.16 -7.70 -17.02
N VAL G 88 -32.67 -8.94 -17.10
CA VAL G 88 -31.88 -10.14 -17.53
C VAL G 88 -32.57 -10.83 -18.70
N PRO G 89 -31.84 -11.67 -19.47
CA PRO G 89 -32.46 -12.47 -20.53
C PRO G 89 -33.58 -13.37 -19.96
N ARG G 90 -34.69 -13.49 -20.73
CA ARG G 90 -35.95 -14.15 -20.29
C ARG G 90 -35.65 -15.59 -19.83
N GLU G 91 -34.67 -16.25 -20.46
CA GLU G 91 -34.26 -17.64 -20.14
C GLU G 91 -33.14 -17.71 -19.11
N GLU G 92 -32.62 -16.56 -18.65
CA GLU G 92 -31.45 -16.51 -17.71
C GLU G 92 -31.86 -15.79 -16.41
N LEU G 93 -33.01 -16.15 -15.85
CA LEU G 93 -33.49 -15.58 -14.56
C LEU G 93 -32.44 -15.86 -13.50
N PRO G 94 -31.99 -14.86 -12.73
CA PRO G 94 -31.11 -15.12 -11.60
C PRO G 94 -31.92 -15.87 -10.54
N ARG G 95 -31.23 -16.63 -9.70
CA ARG G 95 -31.82 -17.23 -8.48
C ARG G 95 -32.43 -16.10 -7.65
N HIS G 96 -33.55 -16.39 -6.97
CA HIS G 96 -34.18 -15.49 -5.97
C HIS G 96 -34.92 -14.36 -6.70
N ALA G 97 -35.21 -14.53 -8.01
CA ALA G 97 -36.12 -13.66 -8.77
C ALA G 97 -37.55 -13.97 -8.32
N HIS G 98 -38.10 -13.17 -7.40
CA HIS G 98 -39.38 -13.47 -6.71
C HIS G 98 -40.56 -12.78 -7.42
N LEU G 99 -40.29 -11.80 -8.29
CA LEU G 99 -41.33 -11.13 -9.12
C LEU G 99 -40.70 -10.76 -10.46
N ARG G 100 -41.42 -10.99 -11.55
CA ARG G 100 -40.89 -10.94 -12.94
C ARG G 100 -41.89 -10.22 -13.86
N PHE G 101 -41.37 -9.32 -14.68
CA PHE G 101 -42.06 -8.59 -15.77
C PHE G 101 -41.34 -8.95 -17.08
N TYR G 102 -42.08 -9.29 -18.14
CA TYR G 102 -41.40 -9.72 -19.37
C TYR G 102 -41.42 -8.80 -20.57
N THR G 103 -40.39 -8.91 -21.38
CA THR G 103 -40.23 -8.07 -22.56
C THR G 103 -40.94 -8.57 -23.79
N ALA G 104 -41.96 -7.82 -24.22
CA ALA G 104 -42.76 -8.17 -25.39
C ALA G 104 -42.00 -8.59 -26.64
N PRO G 105 -42.56 -9.56 -27.37
CA PRO G 105 -41.98 -10.13 -28.59
C PRO G 105 -41.64 -9.06 -29.62
N LEU G 110 -36.50 -10.35 -22.61
CA LEU G 110 -35.97 -9.70 -21.37
C LEU G 110 -36.97 -9.93 -20.24
N ALA G 111 -36.46 -10.07 -19.01
CA ALA G 111 -37.26 -10.13 -17.76
C ALA G 111 -36.70 -9.10 -16.78
N LEU G 112 -37.53 -8.13 -16.35
CA LEU G 112 -37.26 -7.27 -15.17
C LEU G 112 -37.66 -8.09 -13.93
N CYS G 113 -36.72 -8.27 -13.01
CA CYS G 113 -36.84 -9.17 -11.85
C CYS G 113 -36.60 -8.40 -10.57
N PHE G 114 -37.49 -8.54 -9.60
CA PHE G 114 -37.23 -8.20 -8.18
C PHE G 114 -36.53 -9.42 -7.57
N VAL G 115 -35.26 -9.25 -7.23
CA VAL G 115 -34.37 -10.29 -6.66
C VAL G 115 -34.17 -9.98 -5.18
N ASP G 116 -34.39 -10.98 -4.33
CA ASP G 116 -34.37 -10.84 -2.85
C ASP G 116 -33.88 -12.17 -2.25
N ILE G 117 -32.57 -12.32 -2.16
CA ILE G 117 -31.88 -13.52 -1.64
C ILE G 117 -32.60 -13.95 -0.34
N ARG G 118 -32.73 -13.06 0.64
CA ARG G 118 -33.14 -13.45 2.02
C ARG G 118 -34.66 -13.36 2.20
N ARG G 119 -35.36 -12.68 1.28
CA ARG G 119 -36.85 -12.62 1.26
C ARG G 119 -37.37 -11.80 2.46
N PHE G 120 -36.59 -10.88 3.01
CA PHE G 120 -37.06 -9.95 4.06
C PHE G 120 -37.84 -8.81 3.40
N GLY G 121 -37.61 -8.58 2.10
CA GLY G 121 -38.34 -7.59 1.29
C GLY G 121 -39.81 -7.89 1.23
N ARG G 122 -40.64 -6.86 1.08
CA ARG G 122 -42.12 -6.97 0.98
C ARG G 122 -42.57 -6.06 -0.17
N TRP G 123 -43.71 -6.37 -0.80
CA TRP G 123 -44.43 -5.45 -1.70
C TRP G 123 -45.93 -5.51 -1.40
N ASP G 124 -46.62 -4.38 -1.60
CA ASP G 124 -48.04 -4.17 -1.22
C ASP G 124 -48.81 -3.69 -2.45
N LEU G 125 -50.09 -4.12 -2.51
CA LEU G 125 -51.06 -3.89 -3.60
C LEU G 125 -51.21 -2.39 -3.91
N GLY G 126 -51.35 -1.53 -2.90
CA GLY G 126 -51.68 -0.10 -3.09
C GLY G 126 -50.49 0.74 -3.50
N GLY G 127 -50.74 1.94 -4.04
CA GLY G 127 -49.63 2.82 -4.45
C GLY G 127 -49.10 3.65 -3.29
N LYS G 128 -49.48 3.35 -2.04
CA LYS G 128 -49.26 4.29 -0.91
C LYS G 128 -47.87 4.11 -0.28
N TRP G 129 -47.18 5.21 0.00
CA TRP G 129 -46.06 5.27 0.96
C TRP G 129 -46.56 4.82 2.33
N GLN G 130 -45.68 4.29 3.15
CA GLN G 130 -46.08 3.69 4.45
C GLN G 130 -46.56 4.81 5.38
N PRO G 131 -47.79 4.75 5.90
CA PRO G 131 -48.25 5.79 6.83
C PRO G 131 -47.28 5.83 8.02
N GLY G 132 -46.94 7.03 8.47
CA GLY G 132 -46.06 7.20 9.63
C GLY G 132 -44.62 7.44 9.22
N ARG G 133 -44.16 6.95 8.05
CA ARG G 133 -42.79 7.27 7.58
C ARG G 133 -42.68 8.76 7.29
N GLY G 134 -41.61 9.39 7.77
CA GLY G 134 -41.34 10.81 7.56
C GLY G 134 -40.85 11.07 6.14
N PRO G 135 -40.58 12.35 5.79
CA PRO G 135 -40.18 12.72 4.45
C PRO G 135 -38.80 12.15 4.08
N CYS G 136 -38.58 11.96 2.79
CA CYS G 136 -37.32 11.42 2.22
C CYS G 136 -36.18 12.41 2.52
N VAL G 137 -35.13 11.95 3.21
CA VAL G 137 -33.94 12.81 3.47
C VAL G 137 -33.29 13.22 2.16
N LEU G 138 -33.42 12.44 1.08
CA LEU G 138 -32.79 12.80 -0.21
C LEU G 138 -33.67 13.80 -0.95
N GLN G 139 -34.98 13.55 -1.04
CA GLN G 139 -35.82 14.28 -2.03
C GLN G 139 -36.77 15.27 -1.35
N GLU G 140 -36.89 15.24 -0.02
CA GLU G 140 -37.84 16.11 0.72
C GLU G 140 -37.09 16.72 1.90
N TYR G 141 -35.89 17.24 1.65
CA TYR G 141 -34.97 17.70 2.71
C TYR G 141 -35.66 18.70 3.64
N GLN G 142 -36.25 19.76 3.08
CA GLN G 142 -36.81 20.86 3.91
C GLN G 142 -37.93 20.30 4.79
N GLN G 143 -38.79 19.44 4.22
CA GLN G 143 -39.90 18.85 5.00
C GLN G 143 -39.29 17.95 6.08
N PHE G 144 -38.28 17.16 5.71
CA PHE G 144 -37.56 16.25 6.64
C PHE G 144 -37.03 17.08 7.82
N ARG G 145 -36.35 18.20 7.53
CA ARG G 145 -35.69 19.04 8.56
C ARG G 145 -36.75 19.57 9.53
N GLU G 146 -37.82 20.19 8.99
CA GLU G 146 -38.88 20.85 9.79
C GLU G 146 -39.59 19.76 10.62
N ASN G 147 -39.88 18.60 10.03
CA ASN G 147 -40.59 17.48 10.72
C ASN G 147 -39.78 17.04 11.96
N VAL G 148 -38.45 17.06 11.92
CA VAL G 148 -37.61 16.74 13.11
C VAL G 148 -37.68 17.89 14.12
N LEU G 149 -37.28 19.11 13.73
CA LEU G 149 -37.10 20.26 14.64
C LEU G 149 -38.41 20.66 15.32
N ARG G 150 -39.55 20.42 14.66
CA ARG G 150 -40.92 20.69 15.19
C ARG G 150 -41.38 19.61 16.18
N ASN G 151 -40.66 18.49 16.35
CA ASN G 151 -41.19 17.33 17.12
C ASN G 151 -40.14 16.75 18.09
N LEU G 152 -39.22 17.57 18.63
CA LEU G 152 -38.15 17.12 19.55
C LEU G 152 -38.72 16.56 20.87
N ALA G 153 -39.98 16.86 21.18
CA ALA G 153 -40.65 16.47 22.44
C ALA G 153 -40.96 14.98 22.43
N ASP G 154 -41.29 14.43 21.26
CA ASP G 154 -41.54 12.98 21.03
C ASP G 154 -40.51 12.12 21.77
N LYS G 155 -40.99 11.07 22.45
CA LYS G 155 -40.14 10.13 23.23
C LYS G 155 -39.11 9.45 22.31
N ALA G 156 -39.28 9.57 20.99
CA ALA G 156 -38.30 9.11 19.99
C ALA G 156 -36.92 9.68 20.32
N PHE G 157 -36.86 10.95 20.69
CA PHE G 157 -35.60 11.72 20.87
C PHE G 157 -35.05 11.56 22.30
N ASP G 158 -35.72 10.78 23.15
CA ASP G 158 -35.19 10.37 24.49
C ASP G 158 -34.05 9.36 24.30
N ARG G 159 -34.04 8.67 23.15
CA ARG G 159 -33.11 7.54 22.86
C ARG G 159 -31.75 8.08 22.41
N PRO G 160 -30.68 7.24 22.48
CA PRO G 160 -29.39 7.57 21.86
C PRO G 160 -29.51 8.10 20.43
N ILE G 161 -28.66 9.05 20.04
CA ILE G 161 -28.74 9.65 18.69
C ILE G 161 -28.56 8.55 17.65
N CYS G 162 -27.74 7.53 17.92
CA CYS G 162 -27.46 6.46 16.93
C CYS G 162 -28.74 5.62 16.71
N GLU G 163 -29.60 5.50 17.72
CA GLU G 163 -30.89 4.76 17.61
C GLU G 163 -31.95 5.65 16.95
N ALA G 164 -32.06 6.92 17.38
CA ALA G 164 -33.02 7.91 16.83
C ALA G 164 -32.87 7.97 15.31
N LEU G 165 -31.64 7.91 14.79
CA LEU G 165 -31.32 8.07 13.35
C LEU G 165 -31.86 6.89 12.51
N LEU G 166 -32.24 5.77 13.13
CA LEU G 166 -32.90 4.64 12.43
C LEU G 166 -34.43 4.78 12.47
N ASP G 167 -34.98 5.66 13.30
CA ASP G 167 -36.46 5.81 13.42
C ASP G 167 -37.01 6.38 12.12
N GLN G 168 -37.68 5.58 11.30
CA GLN G 168 -38.08 5.97 9.93
C GLN G 168 -39.25 6.96 9.99
N ARG G 169 -39.78 7.28 11.17
CA ARG G 169 -40.80 8.35 11.31
C ARG G 169 -40.16 9.73 11.12
N PHE G 170 -38.86 9.83 11.34
CA PHE G 170 -38.10 11.12 11.32
C PHE G 170 -36.89 11.10 10.38
N PHE G 171 -36.33 9.93 10.05
CA PHE G 171 -35.10 9.80 9.25
C PHE G 171 -35.31 8.77 8.13
N ASN G 172 -36.41 8.90 7.42
CA ASN G 172 -36.83 7.94 6.37
C ASN G 172 -35.73 7.88 5.30
N GLY G 173 -35.02 6.76 5.27
CA GLY G 173 -33.92 6.55 4.30
C GLY G 173 -32.59 6.31 4.98
N ILE G 174 -32.48 6.64 6.27
CA ILE G 174 -31.21 6.48 7.03
C ILE G 174 -31.22 5.07 7.62
N GLY G 175 -30.14 4.33 7.37
CA GLY G 175 -29.92 2.99 7.94
C GLY G 175 -28.58 2.90 8.61
N ASN G 176 -28.11 1.67 8.76
CA ASN G 176 -27.03 1.33 9.71
C ASN G 176 -25.69 1.89 9.23
N TYR G 177 -25.47 1.96 7.92
CA TYR G 177 -24.19 2.49 7.38
C TYR G 177 -24.25 4.01 7.38
N LEU G 178 -25.38 4.62 7.00
CA LEU G 178 -25.47 6.11 6.96
C LEU G 178 -25.36 6.71 8.37
N ARG G 179 -25.95 6.10 9.41
CA ARG G 179 -25.89 6.65 10.79
C ARG G 179 -24.43 6.66 11.28
N ALA G 180 -23.66 5.61 10.97
CA ALA G 180 -22.23 5.54 11.34
C ALA G 180 -21.49 6.66 10.62
N GLU G 181 -21.66 6.73 9.29
CA GLU G 181 -20.95 7.70 8.43
C GLU G 181 -21.30 9.12 8.86
N ILE G 182 -22.57 9.38 9.15
CA ILE G 182 -23.03 10.76 9.51
C ILE G 182 -22.42 11.17 10.84
N LEU G 183 -22.52 10.32 11.86
CA LEU G 183 -22.00 10.62 13.22
C LEU G 183 -20.47 10.74 13.19
N TYR G 184 -19.77 10.00 12.32
CA TYR G 184 -18.28 10.03 12.25
C TYR G 184 -17.83 11.40 11.71
N ARG G 185 -18.54 11.96 10.72
CA ARG G 185 -18.21 13.27 10.10
C ARG G 185 -18.18 14.39 11.15
N LEU G 186 -19.03 14.32 12.18
CA LEU G 186 -19.16 15.40 13.21
C LEU G 186 -18.58 14.96 14.57
N LYS G 187 -18.02 13.75 14.66
CA LYS G 187 -17.53 13.14 15.92
C LYS G 187 -18.55 13.40 17.05
N ILE G 188 -19.82 13.13 16.79
CA ILE G 188 -20.89 13.11 17.84
C ILE G 188 -20.90 11.70 18.43
N PRO G 189 -20.62 11.53 19.73
CA PRO G 189 -20.69 10.20 20.34
C PRO G 189 -22.03 9.53 20.07
N PRO G 190 -22.05 8.29 19.54
CA PRO G 190 -23.30 7.64 19.14
C PRO G 190 -24.34 7.46 20.25
N PHE G 191 -23.91 7.43 21.51
CA PHE G 191 -24.81 7.23 22.68
C PHE G 191 -24.98 8.56 23.43
N GLU G 192 -24.66 9.69 22.81
CA GLU G 192 -25.23 11.00 23.22
C GLU G 192 -26.75 10.88 23.07
N LYS G 193 -27.53 11.52 23.94
CA LYS G 193 -29.00 11.60 23.85
C LYS G 193 -29.39 12.45 22.63
N ALA G 194 -30.32 11.96 21.81
CA ALA G 194 -30.74 12.58 20.53
C ALA G 194 -31.25 14.01 20.74
N ARG G 195 -32.16 14.24 21.69
CA ARG G 195 -32.76 15.56 22.02
C ARG G 195 -31.65 16.59 22.26
N SER G 196 -30.60 16.21 23.01
CA SER G 196 -29.46 17.09 23.36
C SER G 196 -28.79 17.63 22.08
N VAL G 197 -28.56 16.76 21.11
CA VAL G 197 -27.76 17.08 19.89
C VAL G 197 -28.61 17.93 18.94
N LEU G 198 -29.94 17.76 18.99
CA LEU G 198 -30.89 18.24 17.96
C LEU G 198 -31.51 19.61 18.36
N GLU G 199 -31.83 19.81 19.64
CA GLU G 199 -32.39 21.09 20.20
C GLU G 199 -31.49 22.27 19.84
N ALA G 200 -30.17 22.07 19.85
CA ALA G 200 -29.11 23.05 19.50
C ALA G 200 -29.47 23.84 18.23
N LEU G 201 -30.20 23.22 17.28
CA LEU G 201 -30.43 23.76 15.91
C LEU G 201 -31.79 24.47 15.82
N PRO G 223 -21.54 22.60 8.66
CA PRO G 223 -22.75 21.81 8.36
C PRO G 223 -23.19 21.00 9.59
N ASP G 224 -24.50 21.00 9.88
CA ASP G 224 -25.08 20.38 11.11
C ASP G 224 -25.56 18.96 10.79
N LEU G 225 -26.03 18.27 11.82
CA LEU G 225 -26.39 16.83 11.76
C LEU G 225 -27.50 16.60 10.73
N LEU G 226 -28.48 17.50 10.68
CA LEU G 226 -29.66 17.35 9.78
C LEU G 226 -29.23 17.65 8.34
N GLU G 227 -28.28 18.56 8.12
CA GLU G 227 -27.74 18.80 6.74
C GLU G 227 -27.04 17.57 6.19
N LEU G 228 -26.25 16.88 7.04
CA LEU G 228 -25.47 15.68 6.64
C LEU G 228 -26.42 14.50 6.37
N CYS G 229 -27.56 14.45 7.08
CA CYS G 229 -28.63 13.45 6.85
C CYS G 229 -29.10 13.49 5.39
N HIS G 230 -28.87 14.61 4.70
CA HIS G 230 -29.19 14.80 3.27
C HIS G 230 -27.94 14.70 2.42
N SER G 231 -26.86 15.39 2.79
CA SER G 231 -25.67 15.51 1.89
C SER G 231 -24.88 14.19 1.87
N VAL G 232 -24.83 13.45 2.97
CA VAL G 232 -24.04 12.18 3.00
C VAL G 232 -24.68 11.14 2.08
N PRO G 233 -25.97 10.77 2.26
CA PRO G 233 -26.63 9.92 1.27
C PRO G 233 -26.52 10.42 -0.18
N LYS G 234 -26.60 11.73 -0.42
CA LYS G 234 -26.48 12.26 -1.81
C LYS G 234 -25.10 11.89 -2.38
N GLU G 235 -24.07 11.78 -1.53
CA GLU G 235 -22.69 11.41 -1.96
C GLU G 235 -22.74 9.99 -2.54
N VAL G 236 -23.44 9.08 -1.87
CA VAL G 236 -23.56 7.66 -2.29
C VAL G 236 -24.29 7.59 -3.62
N VAL G 237 -25.34 8.39 -3.78
CA VAL G 237 -26.12 8.43 -5.04
C VAL G 237 -25.19 8.85 -6.20
N GLN G 238 -24.25 9.77 -5.92
CA GLN G 238 -23.35 10.36 -6.96
C GLN G 238 -22.27 9.33 -7.34
N LEU G 239 -22.00 8.30 -6.52
CA LEU G 239 -21.40 7.02 -7.03
C LEU G 239 -22.45 6.37 -7.96
N ASP G 252 -18.10 -1.32 -8.74
CA ASP G 252 -19.05 -0.43 -8.02
C ASP G 252 -19.10 -0.81 -6.54
N PHE G 253 -18.91 -2.10 -6.22
CA PHE G 253 -18.76 -2.64 -4.85
C PHE G 253 -17.49 -2.09 -4.20
N ALA G 254 -16.39 -2.05 -4.97
CA ALA G 254 -15.06 -1.55 -4.53
C ALA G 254 -15.14 -0.03 -4.34
N ALA G 255 -15.76 0.69 -5.27
CA ALA G 255 -16.04 2.14 -5.20
C ALA G 255 -16.69 2.49 -3.86
N PHE G 256 -17.68 1.70 -3.42
CA PHE G 256 -18.48 1.96 -2.20
C PHE G 256 -17.62 1.72 -0.95
N ARG G 257 -16.88 0.61 -0.90
CA ARG G 257 -16.03 0.25 0.27
C ARG G 257 -14.96 1.33 0.53
N ALA G 258 -14.48 1.99 -0.55
CA ALA G 258 -13.46 3.07 -0.54
C ALA G 258 -14.07 4.40 -0.09
N TRP G 259 -15.34 4.68 -0.43
CA TRP G 259 -16.11 5.89 -0.01
C TRP G 259 -16.25 5.88 1.52
N LEU G 260 -16.54 4.69 2.08
CA LEU G 260 -16.82 4.48 3.53
C LEU G 260 -15.63 4.99 4.33
N ARG G 261 -15.89 5.80 5.37
CA ARG G 261 -14.84 6.32 6.28
C ARG G 261 -14.88 5.58 7.62
N CYS G 262 -16.04 5.03 8.02
CA CYS G 262 -16.25 4.51 9.38
C CYS G 262 -16.88 3.10 9.36
N TYR G 263 -18.07 2.94 8.77
CA TYR G 263 -18.88 1.68 8.82
C TYR G 263 -18.01 0.50 8.33
N GLY G 264 -17.67 -0.43 9.23
CA GLY G 264 -16.92 -1.67 8.92
C GLY G 264 -15.42 -1.47 8.71
N MET G 265 -14.84 -0.31 9.00
CA MET G 265 -13.43 0.00 8.62
C MET G 265 -12.46 -0.49 9.70
N PRO G 266 -11.22 -0.89 9.32
CA PRO G 266 -10.21 -1.27 10.30
C PRO G 266 -9.96 -0.11 11.29
N GLY G 267 -9.75 -0.46 12.57
CA GLY G 267 -9.45 0.50 13.65
C GLY G 267 -10.69 1.17 14.24
N MET G 268 -11.89 0.87 13.75
CA MET G 268 -13.14 1.48 14.27
C MET G 268 -13.66 0.69 15.47
N SER G 269 -14.27 1.36 16.44
CA SER G 269 -14.98 0.70 17.58
C SER G 269 -16.37 0.28 17.08
N SER G 270 -16.99 -0.71 17.71
CA SER G 270 -18.36 -1.18 17.37
C SER G 270 -19.06 -1.72 18.62
N LEU G 271 -20.35 -1.43 18.75
CA LEU G 271 -21.21 -1.89 19.86
C LEU G 271 -22.57 -2.25 19.25
N GLN G 272 -23.40 -2.96 20.01
CA GLN G 272 -24.83 -3.23 19.72
C GLN G 272 -25.68 -2.14 20.41
N ASP G 273 -26.60 -1.49 19.69
CA ASP G 273 -27.65 -0.62 20.29
C ASP G 273 -28.69 -1.55 20.94
N ARG G 274 -29.74 -0.99 21.56
CA ARG G 274 -30.76 -1.76 22.34
C ARG G 274 -31.55 -2.69 21.41
N HIS G 275 -31.50 -2.50 20.09
CA HIS G 275 -32.24 -3.36 19.12
C HIS G 275 -31.30 -4.37 18.44
N GLY G 276 -30.10 -4.59 19.00
CA GLY G 276 -29.14 -5.60 18.51
C GLY G 276 -28.48 -5.23 17.18
N ARG G 277 -28.58 -3.96 16.76
CA ARG G 277 -27.94 -3.47 15.51
C ARG G 277 -26.58 -2.84 15.85
N THR G 278 -25.59 -3.03 14.96
CA THR G 278 -24.17 -2.69 15.20
C THR G 278 -23.94 -1.23 14.80
N ILE G 279 -23.52 -0.38 15.75
CA ILE G 279 -23.06 1.00 15.45
C ILE G 279 -21.52 0.98 15.43
N TRP G 280 -20.94 1.46 14.32
CA TRP G 280 -19.51 1.75 14.14
C TRP G 280 -19.27 3.23 14.45
N PHE G 281 -18.11 3.53 15.04
CA PHE G 281 -17.75 4.89 15.53
C PHE G 281 -16.25 4.93 15.92
N GLN G 282 -15.77 6.16 16.08
CA GLN G 282 -14.41 6.49 16.57
C GLN G 282 -14.58 7.28 17.88
N GLY G 283 -13.75 6.98 18.87
CA GLY G 283 -13.66 7.76 20.11
C GLY G 283 -14.78 7.43 21.09
N ASP G 284 -15.24 8.47 21.78
CA ASP G 284 -16.15 8.42 22.94
C ASP G 284 -17.42 7.67 22.51
N PRO G 285 -17.77 6.55 23.19
CA PRO G 285 -19.08 5.91 22.98
C PRO G 285 -20.25 6.86 23.34
N GLY G 286 -20.08 7.66 24.40
CA GLY G 286 -21.08 8.66 24.83
C GLY G 286 -21.84 8.23 26.08
N PRO G 287 -22.63 9.12 26.72
CA PRO G 287 -23.24 8.83 28.03
C PRO G 287 -24.13 7.57 28.13
N LEU G 288 -25.03 7.32 27.19
CA LEU G 288 -26.14 6.32 27.34
C LEU G 288 -25.75 4.97 26.73
N ALA G 289 -24.49 4.56 26.78
CA ALA G 289 -24.04 3.24 26.29
C ALA G 289 -24.62 2.15 27.20
F2 EW3 H 7 -29.36 -3.43 3.51
C2' EW3 H 7 -28.26 -3.15 4.26
C3' EW3 H 7 -28.57 -2.47 5.59
O3' EW3 H 7 -29.52 -1.40 5.46
C1' EW3 H 7 -27.36 -2.11 3.59
O4' EW3 H 7 -26.64 -1.51 4.68
C4' EW3 H 7 -27.22 -1.89 5.94
C5' EW3 H 7 -26.29 -2.88 6.62
O5' EW3 H 7 -26.91 -3.52 7.73
P EW3 H 7 -25.96 -4.43 8.63
OP2 EW3 H 7 -24.76 -3.70 9.15
OP1 EW3 H 7 -26.84 -5.12 9.68
N1 EW3 H 7 -26.45 -2.67 2.53
C2 EW3 H 7 -26.24 -1.97 1.41
O2 EW3 H 7 -27.12 -1.32 0.88
N3 EW3 H 7 -25.00 -1.96 0.91
C4 EW3 H 7 -23.99 -2.64 1.47
O4 EW3 H 7 -22.87 -2.60 0.97
C5 EW3 H 7 -24.25 -3.47 2.73
C6 EW3 H 7 -25.72 -3.91 2.80
C1 GOL J . 13.87 -4.77 -1.42
O1 GOL J . 13.21 -4.40 -0.21
C2 GOL J . 15.23 -4.13 -1.52
O2 GOL J . 15.15 -2.76 -1.12
C3 GOL J . 15.84 -4.24 -2.91
O3 GOL J . 17.24 -3.98 -2.89
#